data_3H5L
#
_entry.id   3H5L
#
_cell.length_a   62.882
_cell.length_b   121.628
_cell.length_c   122.876
_cell.angle_alpha   90.000
_cell.angle_beta   90.000
_cell.angle_gamma   90.000
#
_symmetry.space_group_name_H-M   'P 21 21 21'
#
loop_
_entity.id
_entity.type
_entity.pdbx_description
1 polymer 'putative Branched-chain amino acid ABC transporter'
2 water water
#
_entity_poly.entity_id   1
_entity_poly.type   'polypeptide(L)'
_entity_poly.pdbx_seq_one_letter_code
;MSLNSAAQAQSSDPVVIGCPAPLTGIVAADGIEFQRGIQMAADEINAVGGILGRPIELVFADTQSKGVDVVIQSAQRLID
RDNASALIAGYNLENGTALHDVAADAGVIAMHANTVAVHDEMVKSDPDRYWGTFQYDPPETLYGGGFLKFLKDIEDNGEF
SRPNNKIAIITGPGIYSVNIANAIRDGAGEYGYDVSLFETVAIPVSDWGPTLAKLRADPPAVIVVTHFYPQDQALFMNQF
MTDPTNSLVYLQYGASLAAFRDIAGDNSVGVTYATVLGTLQDEMGDAFAKAYKERYGDLSSTASGCQTYSALYAYSIAAA
LAGGPGAPYDDVQNKAVADRLRSLIFRGPVGTMRFHADTQSAWSYPTETNDPSLGMPHIFSQIFDKAEDGVLIAPAPYKK
AGFKMPPWMKGEGHHHHHH
;
_entity_poly.pdbx_strand_id   A,B
#
# COMPACT_ATOMS: atom_id res chain seq x y z
N ASP A 13 26.15 14.82 -29.76
CA ASP A 13 26.45 14.81 -28.30
C ASP A 13 26.13 13.43 -27.69
N PRO A 14 26.98 12.97 -26.76
CA PRO A 14 26.70 11.67 -26.13
C PRO A 14 25.40 11.68 -25.33
N VAL A 15 24.78 10.51 -25.18
CA VAL A 15 23.62 10.34 -24.34
C VAL A 15 24.12 9.81 -22.98
N VAL A 16 23.92 10.56 -21.90
CA VAL A 16 24.39 10.16 -20.59
C VAL A 16 23.29 9.36 -19.89
N ILE A 17 23.61 8.12 -19.56
CA ILE A 17 22.71 7.26 -18.79
C ILE A 17 23.34 7.04 -17.42
N GLY A 18 22.56 7.27 -16.36
CA GLY A 18 23.02 7.09 -15.00
C GLY A 18 22.47 5.82 -14.40
N CYS A 19 23.29 5.11 -13.62
CA CYS A 19 22.86 3.87 -12.98
C CYS A 19 23.18 3.91 -11.47
N PRO A 20 22.14 4.09 -10.63
CA PRO A 20 22.32 4.01 -9.18
C PRO A 20 22.18 2.54 -8.79
N ALA A 21 23.25 1.96 -8.28
CA ALA A 21 23.30 0.52 -8.03
C ALA A 21 24.05 0.30 -6.74
N PRO A 22 23.72 -0.79 -6.03
CA PRO A 22 24.45 -1.09 -4.79
C PRO A 22 25.75 -1.84 -5.11
N LEU A 23 26.81 -1.08 -5.34
CA LEU A 23 28.10 -1.66 -5.73
C LEU A 23 28.92 -2.11 -4.52
N THR A 24 28.54 -1.62 -3.34
CA THR A 24 29.14 -2.07 -2.09
C THR A 24 28.04 -2.39 -1.09
N GLY A 25 28.44 -3.05 0.00
CA GLY A 25 27.47 -3.45 1.01
C GLY A 25 26.84 -4.79 0.74
N ILE A 26 25.78 -5.11 1.48
CA ILE A 26 25.31 -6.52 1.57
C ILE A 26 24.76 -7.12 0.26
N VAL A 27 24.31 -6.27 -0.65
CA VAL A 27 23.87 -6.75 -1.98
C VAL A 27 24.80 -6.26 -3.13
N ALA A 28 26.06 -6.05 -2.82
CA ALA A 28 27.07 -5.69 -3.82
C ALA A 28 27.08 -6.63 -5.01
N ALA A 29 26.89 -7.91 -4.75
CA ALA A 29 26.98 -8.90 -5.81
C ALA A 29 25.93 -8.61 -6.88
N ASP A 30 24.71 -8.29 -6.49
CA ASP A 30 23.70 -7.87 -7.48
C ASP A 30 24.03 -6.54 -8.15
N GLY A 31 24.50 -5.55 -7.39
CA GLY A 31 24.85 -4.26 -7.99
C GLY A 31 25.91 -4.40 -9.06
N ILE A 32 26.88 -5.27 -8.85
CA ILE A 32 27.97 -5.50 -9.81
C ILE A 32 27.38 -6.09 -11.11
N GLU A 33 26.39 -6.96 -10.96
CA GLU A 33 25.76 -7.55 -12.15
C GLU A 33 24.90 -6.52 -12.87
N PHE A 34 24.26 -5.60 -12.15
CA PHE A 34 23.50 -4.55 -12.82
C PHE A 34 24.44 -3.65 -13.65
N GLN A 35 25.62 -3.36 -13.11
CA GLN A 35 26.62 -2.61 -13.83
C GLN A 35 27.10 -3.36 -15.08
N ARG A 36 27.36 -4.67 -14.93
CA ARG A 36 27.82 -5.50 -16.04
C ARG A 36 26.76 -5.58 -17.16
N GLY A 37 25.51 -5.76 -16.77
CA GLY A 37 24.42 -5.85 -17.74
C GLY A 37 24.25 -4.60 -18.56
N ILE A 38 24.31 -3.45 -17.90
CA ILE A 38 24.09 -2.19 -18.60
C ILE A 38 25.33 -1.85 -19.46
N GLN A 39 26.51 -2.25 -19.00
CA GLN A 39 27.72 -2.05 -19.82
C GLN A 39 27.67 -2.87 -21.10
N MET A 40 27.21 -4.11 -21.00
CA MET A 40 27.12 -4.99 -22.17
C MET A 40 26.12 -4.42 -23.19
N ALA A 41 24.95 -3.98 -22.71
CA ALA A 41 23.97 -3.40 -23.64
C ALA A 41 24.52 -2.14 -24.28
N ALA A 42 25.19 -1.29 -23.50
CA ALA A 42 25.73 -0.05 -24.06
C ALA A 42 26.78 -0.35 -25.15
N ASP A 43 27.61 -1.35 -24.90
CA ASP A 43 28.65 -1.74 -25.86
CA ASP A 43 28.64 -1.77 -25.87
C ASP A 43 28.00 -2.26 -27.17
N GLU A 44 26.98 -3.11 -27.05
CA GLU A 44 26.29 -3.63 -28.24
C GLU A 44 25.58 -2.54 -29.06
N ILE A 45 24.86 -1.66 -28.35
CA ILE A 45 24.15 -0.55 -28.98
C ILE A 45 25.13 0.46 -29.60
N ASN A 46 26.22 0.78 -28.91
CA ASN A 46 27.23 1.69 -29.43
C ASN A 46 27.97 1.17 -30.66
N ALA A 47 28.09 -0.14 -30.77
CA ALA A 47 28.77 -0.78 -31.90
C ALA A 47 27.98 -0.59 -33.20
N VAL A 48 26.69 -0.25 -33.09
CA VAL A 48 25.90 0.17 -34.25
C VAL A 48 25.50 1.67 -34.21
N GLY A 49 26.35 2.49 -33.59
CA GLY A 49 26.22 3.95 -33.65
C GLY A 49 25.61 4.60 -32.41
N GLY A 50 25.15 3.80 -31.45
CA GLY A 50 24.49 4.37 -30.27
C GLY A 50 23.03 4.66 -30.54
N ILE A 51 22.52 5.75 -29.97
CA ILE A 51 21.11 6.15 -30.17
C ILE A 51 21.07 7.26 -31.23
N LEU A 52 20.62 6.93 -32.43
CA LEU A 52 20.61 7.93 -33.52
C LEU A 52 22.01 8.53 -33.74
N GLY A 53 23.02 7.68 -33.70
CA GLY A 53 24.41 8.10 -33.90
C GLY A 53 25.08 8.74 -32.69
N ARG A 54 24.34 8.90 -31.58
CA ARG A 54 24.87 9.49 -30.34
C ARG A 54 25.29 8.36 -29.40
N PRO A 55 26.58 8.31 -29.04
CA PRO A 55 27.02 7.23 -28.21
C PRO A 55 26.46 7.33 -26.79
N ILE A 56 26.20 6.16 -26.21
CA ILE A 56 25.77 6.03 -24.84
C ILE A 56 27.00 6.10 -23.92
N GLU A 57 26.94 7.00 -22.95
CA GLU A 57 27.92 7.10 -21.87
C GLU A 57 27.26 6.63 -20.57
N LEU A 58 27.99 5.89 -19.75
CA LEU A 58 27.46 5.41 -18.51
C LEU A 58 28.13 5.98 -17.32
N VAL A 59 27.34 6.53 -16.42
CA VAL A 59 27.86 7.02 -15.16
C VAL A 59 27.17 6.23 -14.03
N PHE A 60 27.95 5.87 -13.02
CA PHE A 60 27.46 5.06 -11.90
C PHE A 60 27.53 5.80 -10.57
N ALA A 61 26.55 5.52 -9.71
CA ALA A 61 26.55 5.99 -8.35
C ALA A 61 26.30 4.78 -7.47
N ASP A 62 27.16 4.59 -6.48
CA ASP A 62 27.07 3.49 -5.52
C ASP A 62 26.12 3.85 -4.37
N THR A 63 24.97 3.17 -4.30
CA THR A 63 23.99 3.39 -3.23
C THR A 63 24.34 2.58 -1.98
N GLN A 64 25.42 1.79 -2.03
CA GLN A 64 26.02 1.13 -0.86
C GLN A 64 25.13 0.13 -0.12
N SER A 65 24.13 -0.39 -0.83
CA SER A 65 23.09 -1.24 -0.23
C SER A 65 22.39 -0.54 0.94
N LYS A 66 22.38 0.79 0.88
CA LYS A 66 21.74 1.62 1.90
C LYS A 66 20.38 2.06 1.38
N GLY A 67 19.67 2.79 2.23
CA GLY A 67 18.29 3.13 2.00
C GLY A 67 17.95 4.40 1.27
N VAL A 68 16.71 4.87 1.49
CA VAL A 68 16.16 5.98 0.72
C VAL A 68 17.04 7.22 0.61
N ASP A 69 17.56 7.73 1.73
CA ASP A 69 18.31 9.01 1.70
C ASP A 69 19.48 8.87 0.74
N VAL A 70 20.17 7.72 0.80
CA VAL A 70 21.38 7.51 -0.03
C VAL A 70 21.01 7.27 -1.50
N VAL A 71 19.93 6.51 -1.74
CA VAL A 71 19.45 6.31 -3.11
C VAL A 71 19.09 7.65 -3.75
N ILE A 72 18.34 8.49 -3.03
CA ILE A 72 17.98 9.80 -3.57
C ILE A 72 19.21 10.67 -3.86
N GLN A 73 20.14 10.71 -2.92
CA GLN A 73 21.39 11.46 -3.07
CA GLN A 73 21.35 11.49 -3.10
C GLN A 73 22.13 11.01 -4.32
N SER A 74 22.17 9.69 -4.53
CA SER A 74 22.88 9.08 -5.65
C SER A 74 22.20 9.42 -6.97
N ALA A 75 20.87 9.30 -7.00
CA ALA A 75 20.12 9.64 -8.21
C ALA A 75 20.28 11.12 -8.55
N GLN A 76 20.20 11.97 -7.52
CA GLN A 76 20.34 13.42 -7.71
CA GLN A 76 20.32 13.40 -7.75
C GLN A 76 21.70 13.78 -8.27
N ARG A 77 22.75 13.13 -7.76
CA ARG A 77 24.12 13.36 -8.24
CA ARG A 77 24.12 13.36 -8.24
C ARG A 77 24.25 13.01 -9.71
N LEU A 78 23.68 11.90 -10.11
CA LEU A 78 23.72 11.48 -11.51
C LEU A 78 23.07 12.51 -12.46
N ILE A 79 22.01 13.16 -12.00
CA ILE A 79 21.36 14.21 -12.78
C ILE A 79 22.10 15.56 -12.72
N ASP A 80 22.37 16.03 -11.50
CA ASP A 80 22.91 17.37 -11.25
C ASP A 80 24.37 17.47 -11.64
N ARG A 81 25.14 16.47 -11.27
CA ARG A 81 26.58 16.51 -11.52
C ARG A 81 26.89 15.95 -12.91
N ASP A 82 26.24 14.84 -13.29
CA ASP A 82 26.64 14.12 -14.49
C ASP A 82 25.72 14.34 -15.68
N ASN A 83 24.65 15.12 -15.47
CA ASN A 83 23.71 15.48 -16.54
C ASN A 83 22.99 14.30 -17.20
N ALA A 84 22.70 13.25 -16.42
CA ALA A 84 22.05 12.07 -16.95
C ALA A 84 20.67 12.38 -17.50
N SER A 85 20.39 11.93 -18.71
CA SER A 85 19.06 12.06 -19.32
C SER A 85 18.08 11.02 -18.82
N ALA A 86 18.61 9.93 -18.29
CA ALA A 86 17.80 8.84 -17.79
C ALA A 86 18.55 8.11 -16.70
N LEU A 87 17.80 7.55 -15.75
CA LEU A 87 18.33 6.72 -14.69
C LEU A 87 17.82 5.32 -14.90
N ILE A 88 18.73 4.35 -14.92
CA ILE A 88 18.37 2.93 -15.05
C ILE A 88 18.96 2.14 -13.90
N ALA A 89 18.07 1.57 -13.09
CA ALA A 89 18.45 0.74 -11.94
C ALA A 89 18.00 -0.70 -12.12
N GLY A 90 18.60 -1.59 -11.35
CA GLY A 90 18.06 -2.92 -11.14
C GLY A 90 17.09 -2.76 -9.96
N TYR A 91 17.60 -3.00 -8.76
CA TYR A 91 16.93 -2.56 -7.56
C TYR A 91 17.96 -1.90 -6.65
N ASN A 92 17.46 -1.21 -5.65
CA ASN A 92 18.24 -0.71 -4.52
C ASN A 92 17.43 -1.00 -3.27
N LEU A 93 18.05 -0.93 -2.09
CA LEU A 93 17.40 -1.32 -0.84
C LEU A 93 16.63 -0.14 -0.24
N GLU A 94 15.70 0.36 -1.06
CA GLU A 94 14.78 1.44 -0.70
C GLU A 94 13.37 0.83 -0.75
N ASN A 95 12.36 1.58 -0.28
CA ASN A 95 10.97 1.12 -0.28
CA ASN A 95 11.01 1.03 -0.25
C ASN A 95 10.43 0.87 -1.69
N GLY A 96 10.95 1.63 -2.65
CA GLY A 96 10.60 1.48 -4.05
C GLY A 96 10.19 2.73 -4.82
N THR A 97 9.94 3.82 -4.11
CA THR A 97 9.46 5.06 -4.70
C THR A 97 10.42 6.24 -4.57
N ALA A 98 11.69 5.98 -4.27
CA ALA A 98 12.66 7.06 -4.10
C ALA A 98 12.96 7.82 -5.40
N LEU A 99 12.90 7.11 -6.52
CA LEU A 99 13.25 7.69 -7.81
C LEU A 99 12.20 8.61 -8.38
N HIS A 100 10.94 8.42 -8.02
CA HIS A 100 9.84 9.07 -8.77
C HIS A 100 9.91 10.58 -8.74
N ASP A 101 10.11 11.17 -7.55
CA ASP A 101 10.18 12.62 -7.44
C ASP A 101 11.48 13.18 -8.02
N VAL A 102 12.58 12.43 -7.88
CA VAL A 102 13.87 12.86 -8.45
C VAL A 102 13.72 12.97 -9.99
N ALA A 103 13.18 11.94 -10.62
CA ALA A 103 12.94 11.96 -12.07
C ALA A 103 11.97 13.07 -12.49
N ALA A 104 10.85 13.16 -11.79
CA ALA A 104 9.80 14.10 -12.15
C ALA A 104 10.32 15.52 -12.03
N ASP A 105 11.01 15.81 -10.94
CA ASP A 105 11.46 17.15 -10.70
C ASP A 105 12.54 17.59 -11.70
N ALA A 106 13.31 16.64 -12.25
CA ALA A 106 14.32 16.94 -13.25
C ALA A 106 13.83 16.72 -14.70
N GLY A 107 12.58 16.30 -14.88
CA GLY A 107 12.06 16.05 -16.22
C GLY A 107 12.81 14.98 -17.01
N VAL A 108 13.30 13.95 -16.30
CA VAL A 108 13.99 12.82 -16.91
C VAL A 108 13.25 11.49 -16.72
N ILE A 109 13.74 10.47 -17.42
CA ILE A 109 13.19 9.11 -17.34
C ILE A 109 13.94 8.33 -16.27
N ALA A 110 13.21 7.57 -15.44
CA ALA A 110 13.81 6.57 -14.57
C ALA A 110 13.17 5.22 -14.85
N MET A 111 13.99 4.19 -14.91
CA MET A 111 13.56 2.82 -15.09
C MET A 111 14.14 2.01 -13.94
N HIS A 112 13.32 1.19 -13.33
CA HIS A 112 13.79 0.31 -12.27
C HIS A 112 13.06 -1.02 -12.26
N ALA A 113 13.67 -2.00 -11.57
CA ALA A 113 13.03 -3.28 -11.25
C ALA A 113 13.03 -3.53 -9.76
N ASN A 114 12.59 -2.53 -9.02
CA ASN A 114 12.44 -2.68 -7.55
C ASN A 114 11.41 -3.77 -7.22
N THR A 115 10.48 -4.03 -8.13
CA THR A 115 9.50 -5.14 -8.01
C THR A 115 8.51 -4.85 -6.86
N VAL A 116 7.84 -3.71 -6.95
CA VAL A 116 7.01 -3.22 -5.86
C VAL A 116 5.66 -2.68 -6.32
N ALA A 117 4.63 -3.09 -5.60
CA ALA A 117 3.29 -2.54 -5.77
C ALA A 117 3.25 -1.06 -5.44
N VAL A 118 4.12 -0.57 -4.55
CA VAL A 118 4.13 0.85 -4.24
C VAL A 118 4.47 1.75 -5.43
N HIS A 119 5.26 1.21 -6.38
CA HIS A 119 5.49 1.93 -7.63
C HIS A 119 4.18 2.15 -8.39
N ASP A 120 3.41 1.09 -8.55
CA ASP A 120 2.12 1.15 -9.27
C ASP A 120 1.22 2.20 -8.63
N GLU A 121 1.16 2.16 -7.31
CA GLU A 121 0.27 3.10 -6.62
C GLU A 121 0.77 4.53 -6.68
N MET A 122 2.11 4.74 -6.71
CA MET A 122 2.67 6.08 -6.82
C MET A 122 2.34 6.69 -8.18
N VAL A 123 2.58 5.96 -9.27
CA VAL A 123 2.23 6.43 -10.60
C VAL A 123 0.71 6.71 -10.69
N LYS A 124 -0.11 5.79 -10.18
CA LYS A 124 -1.57 6.00 -10.18
C LYS A 124 -2.03 7.22 -9.34
N SER A 125 -1.24 7.59 -8.34
CA SER A 125 -1.57 8.72 -7.44
C SER A 125 -1.44 10.07 -8.13
N ASP A 126 -0.65 10.14 -9.21
CA ASP A 126 -0.48 11.40 -9.95
C ASP A 126 0.13 11.09 -11.31
N PRO A 127 -0.63 10.43 -12.21
CA PRO A 127 -0.01 10.00 -13.48
C PRO A 127 0.51 11.16 -14.35
N ASP A 128 -0.11 12.33 -14.23
CA ASP A 128 0.29 13.49 -15.03
C ASP A 128 1.68 13.93 -14.62
N ARG A 129 2.03 13.73 -13.35
CA ARG A 129 3.35 14.13 -12.84
C ARG A 129 4.40 13.05 -13.02
N TYR A 130 4.00 11.80 -12.74
CA TYR A 130 4.90 10.66 -12.75
C TYR A 130 4.95 9.95 -14.11
N TRP A 131 4.94 10.73 -15.18
CA TRP A 131 4.99 10.19 -16.55
C TRP A 131 6.34 9.51 -16.91
N GLY A 132 7.36 9.82 -16.12
CA GLY A 132 8.74 9.43 -16.46
C GLY A 132 9.34 8.21 -15.82
N THR A 133 8.66 7.64 -14.82
CA THR A 133 9.22 6.50 -14.06
C THR A 133 8.51 5.21 -14.40
N PHE A 134 9.29 4.24 -14.84
CA PHE A 134 8.79 2.96 -15.31
C PHE A 134 9.40 1.82 -14.53
N GLN A 135 8.57 0.84 -14.21
CA GLN A 135 8.99 -0.38 -13.56
C GLN A 135 8.97 -1.46 -14.62
N TYR A 136 10.16 -1.95 -15.00
CA TYR A 136 10.26 -2.82 -16.18
C TYR A 136 10.12 -4.31 -15.85
N ASP A 137 9.77 -4.60 -14.61
CA ASP A 137 9.17 -5.88 -14.26
C ASP A 137 7.82 -5.67 -13.61
N PRO A 138 7.06 -6.75 -13.41
CA PRO A 138 5.83 -6.60 -12.64
C PRO A 138 6.09 -6.41 -11.15
N PRO A 139 5.12 -5.84 -10.42
CA PRO A 139 5.31 -5.76 -8.98
C PRO A 139 5.30 -7.16 -8.30
N GLU A 140 5.74 -7.20 -7.06
CA GLU A 140 5.93 -8.43 -6.31
C GLU A 140 4.62 -9.16 -6.09
N THR A 141 3.51 -8.43 -6.11
CA THR A 141 2.18 -9.03 -6.06
C THR A 141 2.02 -10.19 -7.07
N LEU A 142 2.60 -10.05 -8.26
CA LEU A 142 2.49 -11.12 -9.29
C LEU A 142 3.16 -12.44 -8.88
N TYR A 143 4.10 -12.39 -7.94
CA TYR A 143 4.65 -13.64 -7.40
C TYR A 143 3.54 -14.48 -6.80
N GLY A 144 2.55 -13.82 -6.20
CA GLY A 144 1.42 -14.49 -5.58
C GLY A 144 0.35 -14.89 -6.58
N GLY A 145 -0.15 -13.92 -7.34
CA GLY A 145 -1.13 -14.22 -8.36
C GLY A 145 -0.62 -15.20 -9.39
N GLY A 146 0.62 -15.04 -9.81
CA GLY A 146 1.26 -15.92 -10.78
C GLY A 146 1.54 -17.31 -10.26
N PHE A 147 1.82 -17.45 -8.96
CA PHE A 147 1.92 -18.78 -8.38
C PHE A 147 0.60 -19.55 -8.51
N LEU A 148 -0.50 -18.89 -8.22
CA LEU A 148 -1.80 -19.56 -8.34
C LEU A 148 -2.11 -19.98 -9.78
N LYS A 149 -1.78 -19.12 -10.74
CA LYS A 149 -1.96 -19.45 -12.16
C LYS A 149 -1.07 -20.62 -12.55
N PHE A 150 0.16 -20.62 -12.06
CA PHE A 150 1.09 -21.73 -12.33
C PHE A 150 0.51 -23.03 -11.84
N LEU A 151 -0.03 -22.99 -10.64
CA LEU A 151 -0.55 -24.16 -10.01
C LEU A 151 -1.75 -24.70 -10.81
N LYS A 152 -2.59 -23.79 -11.30
CA LYS A 152 -3.72 -24.18 -12.14
C LYS A 152 -3.27 -24.90 -13.40
N ASP A 153 -2.26 -24.36 -14.07
CA ASP A 153 -1.82 -24.91 -15.33
C ASP A 153 -1.17 -26.30 -15.17
N ILE A 154 -0.39 -26.53 -14.11
CA ILE A 154 0.23 -27.86 -13.95
C ILE A 154 -0.81 -28.88 -13.54
N GLU A 155 -1.85 -28.45 -12.84
CA GLU A 155 -2.99 -29.34 -12.55
C GLU A 155 -3.80 -29.67 -13.81
N ASP A 156 -4.07 -28.65 -14.63
CA ASP A 156 -4.85 -28.81 -15.86
C ASP A 156 -4.10 -29.66 -16.89
N ASN A 157 -2.77 -29.59 -16.89
CA ASN A 157 -1.94 -30.37 -17.82
C ASN A 157 -1.73 -31.83 -17.37
N GLY A 158 -2.26 -32.18 -16.20
CA GLY A 158 -2.08 -33.51 -15.61
C GLY A 158 -0.78 -33.76 -14.85
N GLU A 159 0.06 -32.73 -14.71
CA GLU A 159 1.38 -32.89 -14.09
C GLU A 159 1.38 -32.93 -12.55
N PHE A 160 0.34 -32.35 -11.94
CA PHE A 160 0.18 -32.32 -10.49
C PHE A 160 -1.24 -32.67 -10.15
N SER A 161 -1.41 -33.65 -9.25
CA SER A 161 -2.73 -34.07 -8.79
C SER A 161 -2.81 -33.71 -7.32
N ARG A 162 -3.65 -32.75 -6.98
CA ARG A 162 -3.65 -32.24 -5.62
C ARG A 162 -4.06 -33.33 -4.63
N PRO A 163 -3.25 -33.57 -3.58
CA PRO A 163 -3.68 -34.57 -2.58
C PRO A 163 -4.92 -34.12 -1.81
N ASN A 164 -5.06 -32.81 -1.59
CA ASN A 164 -6.27 -32.23 -1.03
C ASN A 164 -6.42 -30.77 -1.50
N ASN A 165 -7.31 -30.01 -0.85
CA ASN A 165 -7.60 -28.62 -1.25
C ASN A 165 -6.98 -27.57 -0.33
N LYS A 166 -5.95 -27.97 0.43
CA LYS A 166 -5.36 -27.12 1.45
C LYS A 166 -4.04 -26.54 0.99
N ILE A 167 -3.85 -25.24 1.23
CA ILE A 167 -2.58 -24.57 1.00
C ILE A 167 -2.08 -23.91 2.30
N ALA A 168 -0.78 -24.08 2.59
CA ALA A 168 -0.13 -23.49 3.76
C ALA A 168 0.83 -22.40 3.29
N ILE A 169 0.76 -21.23 3.93
CA ILE A 169 1.55 -20.05 3.54
C ILE A 169 2.32 -19.58 4.74
N ILE A 170 3.63 -19.47 4.58
CA ILE A 170 4.58 -19.16 5.61
C ILE A 170 5.40 -17.94 5.18
N THR A 171 5.27 -16.85 5.92
CA THR A 171 5.87 -15.58 5.52
C THR A 171 6.75 -15.02 6.62
N GLY A 172 7.73 -14.22 6.23
CA GLY A 172 8.49 -13.36 7.13
C GLY A 172 7.67 -12.09 7.35
N PRO A 173 8.18 -11.18 8.18
CA PRO A 173 7.38 -10.00 8.57
C PRO A 173 7.38 -8.82 7.58
N GLY A 174 8.34 -8.79 6.66
CA GLY A 174 8.56 -7.67 5.76
C GLY A 174 7.52 -7.54 4.64
N ILE A 175 7.46 -6.35 4.05
CA ILE A 175 6.44 -6.02 3.07
C ILE A 175 6.47 -6.93 1.82
N TYR A 176 7.65 -7.24 1.31
CA TYR A 176 7.78 -8.15 0.14
C TYR A 176 7.18 -9.52 0.44
N SER A 177 7.62 -10.15 1.53
CA SER A 177 7.11 -11.48 1.83
C SER A 177 5.64 -11.46 2.15
N VAL A 178 5.21 -10.41 2.87
CA VAL A 178 3.83 -10.30 3.29
C VAL A 178 2.90 -10.06 2.09
N ASN A 179 3.30 -9.17 1.19
CA ASN A 179 2.52 -8.87 0.02
C ASN A 179 2.34 -10.10 -0.86
N ILE A 180 3.40 -10.88 -1.00
CA ILE A 180 3.29 -12.11 -1.78
C ILE A 180 2.34 -13.09 -1.11
N ALA A 181 2.55 -13.28 0.19
CA ALA A 181 1.77 -14.24 0.94
C ALA A 181 0.28 -13.88 0.92
N ASN A 182 -0.04 -12.60 1.08
CA ASN A 182 -1.46 -12.19 1.05
C ASN A 182 -2.10 -12.28 -0.34
N ALA A 183 -1.30 -12.07 -1.40
CA ALA A 183 -1.81 -12.27 -2.76
C ALA A 183 -2.27 -13.73 -2.94
N ILE A 184 -1.50 -14.66 -2.40
CA ILE A 184 -1.82 -16.08 -2.49
C ILE A 184 -3.04 -16.38 -1.61
N ARG A 185 -3.03 -15.90 -0.39
CA ARG A 185 -4.16 -16.16 0.53
C ARG A 185 -5.48 -15.64 -0.07
N ASP A 186 -5.43 -14.44 -0.60
CA ASP A 186 -6.63 -13.77 -1.12
C ASP A 186 -7.17 -14.45 -2.37
N GLY A 187 -6.27 -14.97 -3.21
CA GLY A 187 -6.66 -15.59 -4.48
C GLY A 187 -6.97 -17.07 -4.43
N ALA A 188 -6.60 -17.74 -3.33
CA ALA A 188 -6.67 -19.22 -3.23
C ALA A 188 -8.07 -19.77 -3.53
N GLY A 189 -9.07 -19.10 -2.96
CA GLY A 189 -10.48 -19.49 -3.07
C GLY A 189 -11.01 -19.69 -4.48
N GLU A 190 -10.70 -18.76 -5.37
CA GLU A 190 -11.19 -18.90 -6.74
C GLU A 190 -10.53 -20.09 -7.49
N TYR A 191 -9.42 -20.60 -6.98
CA TYR A 191 -8.79 -21.81 -7.54
C TYR A 191 -9.14 -23.10 -6.79
N GLY A 192 -10.02 -22.97 -5.80
CA GLY A 192 -10.55 -24.11 -5.07
C GLY A 192 -9.63 -24.60 -3.98
N TYR A 193 -8.76 -23.71 -3.47
CA TYR A 193 -7.91 -24.01 -2.33
C TYR A 193 -8.40 -23.27 -1.09
N ASP A 194 -8.38 -23.95 0.04
CA ASP A 194 -8.59 -23.31 1.34
C ASP A 194 -7.23 -23.13 1.99
N VAL A 195 -7.00 -21.99 2.62
CA VAL A 195 -5.76 -21.75 3.33
C VAL A 195 -5.83 -22.47 4.68
N SER A 196 -5.06 -23.57 4.79
CA SER A 196 -5.03 -24.37 6.02
C SER A 196 -4.15 -23.75 7.08
N LEU A 197 -3.19 -22.90 6.67
CA LEU A 197 -2.27 -22.22 7.58
C LEU A 197 -1.73 -20.94 6.95
N PHE A 198 -1.77 -19.85 7.70
CA PHE A 198 -1.09 -18.63 7.34
C PHE A 198 -0.24 -18.24 8.52
N GLU A 199 1.07 -18.29 8.37
CA GLU A 199 1.98 -18.21 9.49
C GLU A 199 3.04 -17.17 9.24
N THR A 200 3.21 -16.26 10.19
CA THR A 200 4.24 -15.26 10.10
C THR A 200 5.32 -15.62 11.10
N VAL A 201 6.57 -15.69 10.65
CA VAL A 201 7.69 -16.09 11.51
C VAL A 201 8.64 -14.94 11.70
N ALA A 202 9.38 -14.96 12.82
CA ALA A 202 10.42 -13.96 13.07
C ALA A 202 11.65 -14.38 12.28
N ILE A 203 12.43 -13.41 11.82
CA ILE A 203 13.58 -13.72 10.98
C ILE A 203 14.84 -13.05 11.49
N PRO A 204 16.02 -13.67 11.24
CA PRO A 204 16.17 -14.98 10.59
C PRO A 204 15.67 -16.13 11.45
N VAL A 205 15.33 -17.26 10.82
CA VAL A 205 14.76 -18.41 11.52
C VAL A 205 15.91 -19.28 12.06
N SER A 206 15.86 -19.62 13.34
CA SER A 206 16.80 -20.60 13.92
C SER A 206 16.20 -22.02 13.93
N ASP A 207 14.88 -22.11 13.89
CA ASP A 207 14.23 -23.40 14.03
C ASP A 207 12.85 -23.28 13.45
N TRP A 208 12.54 -24.15 12.48
CA TRP A 208 11.21 -24.23 11.89
C TRP A 208 10.28 -25.21 12.61
N GLY A 209 10.71 -25.74 13.75
CA GLY A 209 9.92 -26.75 14.48
C GLY A 209 8.44 -26.47 14.69
N PRO A 210 8.11 -25.28 15.24
CA PRO A 210 6.72 -24.92 15.46
C PRO A 210 5.89 -24.95 14.18
N THR A 211 6.43 -24.40 13.10
CA THR A 211 5.72 -24.44 11.81
C THR A 211 5.60 -25.87 11.33
N LEU A 212 6.71 -26.60 11.38
CA LEU A 212 6.71 -27.98 10.94
C LEU A 212 5.67 -28.85 11.70
N ALA A 213 5.52 -28.63 13.00
CA ALA A 213 4.49 -29.38 13.77
C ALA A 213 3.07 -29.07 13.25
N LYS A 214 2.79 -27.80 12.92
CA LYS A 214 1.48 -27.43 12.37
C LYS A 214 1.23 -28.07 11.02
N LEU A 215 2.24 -28.02 10.15
CA LEU A 215 2.15 -28.69 8.87
C LEU A 215 1.87 -30.18 9.02
N ARG A 216 2.61 -30.86 9.89
CA ARG A 216 2.47 -32.32 10.04
C ARG A 216 1.14 -32.72 10.71
N ALA A 217 0.64 -31.85 11.59
CA ALA A 217 -0.70 -32.05 12.16
C ALA A 217 -1.84 -31.93 11.12
N ASP A 218 -1.55 -31.28 9.98
CA ASP A 218 -2.58 -30.99 8.96
C ASP A 218 -1.94 -30.90 7.56
N PRO A 219 -1.40 -32.03 7.05
CA PRO A 219 -0.61 -32.04 5.80
C PRO A 219 -1.31 -31.33 4.61
N PRO A 220 -0.77 -30.18 4.17
CA PRO A 220 -1.43 -29.49 3.05
C PRO A 220 -1.00 -30.04 1.69
N ALA A 221 -1.78 -29.74 0.65
CA ALA A 221 -1.42 -30.12 -0.74
C ALA A 221 -0.22 -29.31 -1.24
N VAL A 222 -0.14 -28.09 -0.75
CA VAL A 222 0.81 -27.09 -1.21
C VAL A 222 1.38 -26.28 -0.03
N ILE A 223 2.70 -26.16 0.03
CA ILE A 223 3.37 -25.31 0.99
C ILE A 223 4.09 -24.17 0.24
N VAL A 224 3.77 -22.94 0.60
CA VAL A 224 4.45 -21.75 0.10
C VAL A 224 5.21 -21.04 1.20
N VAL A 225 6.51 -20.83 0.98
CA VAL A 225 7.32 -20.09 1.89
C VAL A 225 7.77 -18.79 1.20
N THR A 226 7.24 -17.65 1.65
CA THR A 226 7.59 -16.35 1.08
C THR A 226 8.73 -15.62 1.78
N HIS A 227 9.11 -16.08 2.98
CA HIS A 227 10.39 -15.73 3.54
C HIS A 227 11.49 -16.28 2.60
N PHE A 228 12.45 -15.45 2.24
CA PHE A 228 13.26 -15.65 1.03
C PHE A 228 14.74 -15.93 1.24
N TYR A 229 15.23 -15.91 2.49
CA TYR A 229 16.67 -16.11 2.66
C TYR A 229 17.01 -17.54 2.27
N PRO A 230 18.01 -17.72 1.40
CA PRO A 230 18.33 -19.07 0.92
C PRO A 230 18.81 -20.01 2.03
N GLN A 231 19.56 -19.48 2.99
CA GLN A 231 20.04 -20.32 4.09
C GLN A 231 18.88 -20.79 4.97
N ASP A 232 17.96 -19.89 5.31
CA ASP A 232 16.77 -20.25 6.11
C ASP A 232 15.90 -21.28 5.35
N GLN A 233 15.77 -21.09 4.03
CA GLN A 233 15.00 -22.02 3.24
C GLN A 233 15.63 -23.43 3.20
N ALA A 234 16.96 -23.50 3.13
CA ALA A 234 17.66 -24.78 3.15
C ALA A 234 17.49 -25.44 4.51
N LEU A 235 17.60 -24.67 5.58
CA LEU A 235 17.36 -25.22 6.91
C LEU A 235 15.92 -25.77 6.97
N PHE A 236 14.96 -25.03 6.42
CA PHE A 236 13.59 -25.52 6.37
C PHE A 236 13.50 -26.91 5.71
N MET A 237 14.12 -27.04 4.54
CA MET A 237 14.00 -28.30 3.80
C MET A 237 14.72 -29.42 4.57
N ASN A 238 15.85 -29.11 5.19
CA ASN A 238 16.57 -30.14 5.95
C ASN A 238 15.78 -30.63 7.17
N GLN A 239 15.03 -29.74 7.81
CA GLN A 239 14.17 -30.16 8.93
C GLN A 239 12.86 -30.81 8.42
N PHE A 240 12.31 -30.27 7.33
CA PHE A 240 11.09 -30.82 6.70
C PHE A 240 11.31 -32.29 6.34
N MET A 241 12.46 -32.59 5.74
CA MET A 241 12.72 -33.89 5.12
C MET A 241 12.99 -35.03 6.11
N THR A 242 13.04 -34.72 7.40
CA THR A 242 13.09 -35.78 8.41
C THR A 242 11.71 -36.44 8.56
N ASP A 243 10.68 -35.78 8.05
CA ASP A 243 9.31 -36.30 8.10
C ASP A 243 8.41 -35.42 7.21
N PRO A 244 8.56 -35.55 5.88
CA PRO A 244 7.92 -34.62 4.96
C PRO A 244 6.42 -34.89 4.80
N THR A 245 5.64 -33.82 4.71
CA THR A 245 4.24 -33.89 4.31
C THR A 245 4.11 -34.09 2.81
N ASN A 246 2.98 -34.66 2.39
CA ASN A 246 2.71 -34.96 0.99
C ASN A 246 2.27 -33.68 0.27
N SER A 247 3.24 -32.81 -0.01
CA SER A 247 2.94 -31.42 -0.40
C SER A 247 3.88 -30.92 -1.49
N LEU A 248 3.34 -30.20 -2.47
CA LEU A 248 4.15 -29.43 -3.39
C LEU A 248 4.77 -28.28 -2.59
N VAL A 249 6.05 -28.03 -2.78
CA VAL A 249 6.73 -26.96 -2.10
C VAL A 249 7.22 -25.91 -3.09
N TYR A 250 6.85 -24.68 -2.79
CA TYR A 250 7.34 -23.50 -3.51
C TYR A 250 8.08 -22.60 -2.50
N LEU A 251 9.30 -22.20 -2.86
CA LEU A 251 10.15 -21.37 -2.03
C LEU A 251 10.45 -20.09 -2.79
N GLN A 252 10.15 -18.96 -2.18
CA GLN A 252 10.30 -17.66 -2.84
C GLN A 252 11.75 -17.22 -2.90
N TYR A 253 12.24 -17.03 -4.14
CA TYR A 253 13.59 -16.48 -4.44
C TYR A 253 14.82 -17.29 -4.01
N GLY A 254 14.95 -17.58 -2.72
CA GLY A 254 16.19 -18.16 -2.21
C GLY A 254 16.59 -19.47 -2.88
N ALA A 255 15.60 -20.27 -3.24
CA ALA A 255 15.85 -21.59 -3.84
C ALA A 255 16.48 -21.47 -5.24
N SER A 256 16.46 -20.25 -5.80
CA SER A 256 17.06 -19.99 -7.10
C SER A 256 18.59 -19.92 -7.04
N LEU A 257 19.16 -19.94 -5.84
CA LEU A 257 20.58 -19.63 -5.62
C LEU A 257 21.38 -20.88 -5.26
N ALA A 258 22.63 -20.95 -5.75
CA ALA A 258 23.53 -22.07 -5.44
C ALA A 258 23.61 -22.34 -3.96
N ALA A 259 23.62 -21.29 -3.15
CA ALA A 259 23.75 -21.43 -1.69
C ALA A 259 22.65 -22.33 -1.13
N PHE A 260 21.43 -22.16 -1.63
CA PHE A 260 20.32 -23.02 -1.20
C PHE A 260 20.58 -24.48 -1.51
N ARG A 261 21.00 -24.74 -2.74
CA ARG A 261 21.24 -26.12 -3.17
C ARG A 261 22.44 -26.72 -2.46
N ASP A 262 23.43 -25.89 -2.16
CA ASP A 262 24.63 -26.35 -1.47
C ASP A 262 24.27 -26.84 -0.06
N ILE A 263 23.45 -26.08 0.64
CA ILE A 263 23.11 -26.36 2.04
C ILE A 263 22.04 -27.45 2.16
N ALA A 264 21.00 -27.40 1.31
CA ALA A 264 19.96 -28.43 1.30
C ALA A 264 20.42 -29.76 0.70
N GLY A 265 21.42 -29.74 -0.18
CA GLY A 265 21.91 -30.97 -0.83
C GLY A 265 20.80 -31.67 -1.57
N ASP A 266 20.72 -33.00 -1.42
CA ASP A 266 19.67 -33.76 -2.08
C ASP A 266 18.25 -33.38 -1.65
N ASN A 267 18.10 -32.76 -0.48
CA ASN A 267 16.78 -32.28 -0.06
C ASN A 267 16.22 -31.14 -0.92
N SER A 268 17.05 -30.58 -1.80
CA SER A 268 16.59 -29.52 -2.69
C SER A 268 15.84 -30.06 -3.87
N VAL A 269 16.03 -31.34 -4.18
CA VAL A 269 15.41 -31.93 -5.35
C VAL A 269 13.88 -31.98 -5.23
N GLY A 270 13.19 -31.39 -6.22
CA GLY A 270 11.74 -31.34 -6.22
C GLY A 270 11.14 -29.96 -5.94
N VAL A 271 11.92 -29.10 -5.28
CA VAL A 271 11.52 -27.75 -4.90
C VAL A 271 11.25 -26.93 -6.14
N THR A 272 10.20 -26.11 -6.08
CA THR A 272 9.95 -25.10 -7.15
C THR A 272 10.23 -23.67 -6.69
N TYR A 273 10.50 -22.81 -7.67
CA TYR A 273 10.76 -21.39 -7.45
C TYR A 273 10.50 -20.67 -8.76
N ALA A 274 10.57 -19.35 -8.74
CA ALA A 274 10.16 -18.57 -9.91
C ALA A 274 10.71 -17.16 -9.91
N THR A 275 10.70 -16.55 -11.10
CA THR A 275 11.07 -15.15 -11.22
C THR A 275 10.08 -14.49 -12.19
N VAL A 276 9.76 -13.23 -11.91
CA VAL A 276 8.86 -12.45 -12.77
C VAL A 276 9.58 -11.80 -13.94
N LEU A 277 10.91 -11.84 -13.91
CA LEU A 277 11.76 -11.35 -15.00
C LEU A 277 13.04 -12.18 -15.02
N GLY A 278 13.18 -13.00 -16.06
CA GLY A 278 14.41 -13.78 -16.23
C GLY A 278 14.74 -14.15 -17.65
N THR A 279 15.98 -14.61 -17.84
CA THR A 279 16.43 -15.04 -19.14
C THR A 279 15.70 -16.31 -19.57
N LEU A 280 15.11 -16.26 -20.75
CA LEU A 280 14.49 -17.44 -21.30
C LEU A 280 15.60 -18.38 -21.81
N GLN A 281 15.24 -19.63 -22.05
CA GLN A 281 16.17 -20.63 -22.57
C GLN A 281 15.81 -21.06 -23.99
N ASP A 282 15.24 -20.12 -24.73
CA ASP A 282 15.12 -20.26 -26.18
C ASP A 282 16.39 -19.75 -26.84
N GLU A 283 16.42 -19.69 -28.18
CA GLU A 283 17.63 -19.26 -28.89
C GLU A 283 18.14 -17.88 -28.43
N MET A 284 17.24 -16.90 -28.38
CA MET A 284 17.63 -15.54 -28.04
CA MET A 284 17.61 -15.54 -28.02
C MET A 284 18.14 -15.47 -26.61
N GLY A 285 17.45 -16.18 -25.71
CA GLY A 285 17.84 -16.19 -24.29
C GLY A 285 19.19 -16.87 -24.07
N ASP A 286 19.35 -18.04 -24.70
CA ASP A 286 20.64 -18.75 -24.67
C ASP A 286 21.79 -17.90 -25.22
N ALA A 287 21.52 -17.16 -26.31
CA ALA A 287 22.53 -16.29 -26.89
C ALA A 287 22.97 -15.20 -25.93
N PHE A 288 22.02 -14.62 -25.18
CA PHE A 288 22.37 -13.61 -24.20
C PHE A 288 23.22 -14.20 -23.09
N ALA A 289 22.78 -15.31 -22.55
CA ALA A 289 23.47 -15.93 -21.42
C ALA A 289 24.90 -16.31 -21.83
N LYS A 290 25.05 -16.83 -23.05
CA LYS A 290 26.38 -17.23 -23.52
C LYS A 290 27.31 -16.04 -23.64
N ALA A 291 26.79 -14.96 -24.24
CA ALA A 291 27.56 -13.74 -24.41
C ALA A 291 27.90 -13.09 -23.06
N TYR A 292 26.96 -13.09 -22.12
CA TYR A 292 27.20 -12.53 -20.79
C TYR A 292 28.29 -13.30 -20.06
N LYS A 293 28.26 -14.62 -20.14
CA LYS A 293 29.24 -15.44 -19.43
C LYS A 293 30.60 -15.36 -20.07
N GLU A 294 30.66 -15.16 -21.38
CA GLU A 294 31.93 -14.94 -22.08
CA GLU A 294 31.92 -14.94 -22.08
C GLU A 294 32.59 -13.65 -21.60
N ARG A 295 31.77 -12.61 -21.36
CA ARG A 295 32.29 -11.33 -20.92
CA ARG A 295 32.27 -11.32 -20.92
C ARG A 295 32.70 -11.39 -19.46
N TYR A 296 31.85 -11.96 -18.62
CA TYR A 296 32.02 -11.81 -17.19
C TYR A 296 32.34 -13.07 -16.38
N GLY A 297 32.40 -14.23 -17.04
CA GLY A 297 32.77 -15.48 -16.36
C GLY A 297 31.58 -16.36 -16.02
N ASP A 298 31.85 -17.66 -15.87
CA ASP A 298 30.79 -18.67 -15.70
C ASP A 298 30.02 -18.57 -14.39
N LEU A 299 30.62 -17.96 -13.38
CA LEU A 299 29.98 -17.79 -12.10
C LEU A 299 29.13 -16.52 -12.02
N SER A 300 29.19 -15.68 -13.06
CA SER A 300 28.44 -14.43 -13.07
C SER A 300 26.94 -14.71 -13.16
N SER A 301 26.12 -13.75 -12.74
CA SER A 301 24.69 -13.97 -12.68
C SER A 301 23.94 -13.29 -13.82
N THR A 302 23.46 -14.10 -14.77
CA THR A 302 22.59 -13.60 -15.83
C THR A 302 21.24 -13.17 -15.24
N ALA A 303 20.86 -13.77 -14.10
CA ALA A 303 19.59 -13.44 -13.47
C ALA A 303 19.48 -11.97 -13.07
N SER A 304 20.59 -11.36 -12.64
CA SER A 304 20.61 -9.94 -12.34
C SER A 304 21.03 -9.11 -13.56
N GLY A 305 22.01 -9.60 -14.32
CA GLY A 305 22.52 -8.79 -15.45
C GLY A 305 21.51 -8.58 -16.57
N CYS A 306 20.58 -9.52 -16.75
CA CYS A 306 19.54 -9.37 -17.79
C CYS A 306 18.58 -8.19 -17.54
N GLN A 307 18.52 -7.71 -16.31
CA GLN A 307 17.55 -6.67 -15.95
C GLN A 307 17.97 -5.31 -16.58
N THR A 308 19.13 -4.80 -16.22
CA THR A 308 19.56 -3.51 -16.72
C THR A 308 19.93 -3.55 -18.22
N TYR A 309 20.38 -4.72 -18.69
CA TYR A 309 20.60 -4.98 -20.11
C TYR A 309 19.31 -4.72 -20.90
N SER A 310 18.23 -5.34 -20.44
CA SER A 310 16.93 -5.26 -21.14
C SER A 310 16.38 -3.84 -21.07
N ALA A 311 16.49 -3.24 -19.90
CA ALA A 311 16.03 -1.87 -19.68
C ALA A 311 16.68 -0.88 -20.62
N LEU A 312 18.01 -0.97 -20.76
CA LEU A 312 18.72 -0.03 -21.63
C LEU A 312 18.36 -0.27 -23.08
N TYR A 313 18.18 -1.52 -23.50
CA TYR A 313 17.68 -1.78 -24.84
C TYR A 313 16.31 -1.13 -25.09
N ALA A 314 15.37 -1.29 -24.17
CA ALA A 314 14.05 -0.68 -24.30
C ALA A 314 14.19 0.83 -24.41
N TYR A 315 15.01 1.41 -23.53
CA TYR A 315 15.22 2.84 -23.55
C TYR A 315 15.77 3.31 -24.90
N SER A 316 16.78 2.62 -25.41
CA SER A 316 17.39 2.96 -26.70
C SER A 316 16.38 2.98 -27.85
N ILE A 317 15.41 2.06 -27.85
CA ILE A 317 14.38 1.99 -28.88
C ILE A 317 13.44 3.17 -28.76
N ALA A 318 12.92 3.37 -27.55
CA ALA A 318 12.02 4.48 -27.26
C ALA A 318 12.64 5.84 -27.56
N ALA A 319 13.87 6.06 -27.11
CA ALA A 319 14.55 7.32 -27.33
C ALA A 319 14.79 7.56 -28.83
N ALA A 320 15.24 6.54 -29.56
CA ALA A 320 15.42 6.68 -31.03
C ALA A 320 14.10 7.06 -31.72
N LEU A 321 13.01 6.34 -31.40
CA LEU A 321 11.71 6.64 -32.02
C LEU A 321 11.26 8.07 -31.78
N ALA A 322 11.57 8.60 -30.59
CA ALA A 322 11.20 9.96 -30.21
C ALA A 322 12.10 11.05 -30.83
N GLY A 323 13.19 10.67 -31.49
CA GLY A 323 14.16 11.64 -32.02
C GLY A 323 15.33 11.94 -31.10
N GLY A 324 15.41 11.26 -29.96
CA GLY A 324 16.56 11.29 -29.07
C GLY A 324 16.16 11.70 -27.65
N PRO A 325 17.05 11.50 -26.67
CA PRO A 325 16.79 11.90 -25.28
C PRO A 325 16.74 13.41 -25.12
N GLY A 326 16.01 13.88 -24.13
CA GLY A 326 16.16 15.24 -23.69
C GLY A 326 17.21 15.34 -22.61
N ALA A 327 17.89 16.47 -22.58
CA ALA A 327 18.75 16.84 -21.46
C ALA A 327 17.92 16.91 -20.16
N PRO A 328 18.57 16.85 -18.99
CA PRO A 328 17.80 17.18 -17.80
C PRO A 328 17.05 18.49 -17.97
N TYR A 329 15.83 18.52 -17.43
CA TYR A 329 14.93 19.68 -17.47
C TYR A 329 14.29 19.89 -18.84
N ASP A 330 14.56 19.02 -19.82
CA ASP A 330 13.85 19.13 -21.11
C ASP A 330 12.66 18.16 -21.05
N ASP A 331 11.64 18.58 -20.29
CA ASP A 331 10.48 17.76 -20.02
C ASP A 331 9.74 17.44 -21.31
N VAL A 332 9.68 18.37 -22.26
CA VAL A 332 8.96 18.11 -23.50
C VAL A 332 9.55 16.96 -24.30
N GLN A 333 10.87 16.96 -24.49
CA GLN A 333 11.46 15.89 -25.23
C GLN A 333 11.44 14.59 -24.45
N ASN A 334 11.70 14.63 -23.15
CA ASN A 334 11.63 13.39 -22.37
C ASN A 334 10.21 12.84 -22.23
N LYS A 335 9.20 13.71 -22.28
CA LYS A 335 7.82 13.22 -22.35
C LYS A 335 7.57 12.45 -23.65
N ALA A 336 8.17 12.93 -24.76
CA ALA A 336 8.10 12.20 -26.04
C ALA A 336 8.73 10.83 -25.92
N VAL A 337 9.90 10.76 -25.29
CA VAL A 337 10.56 9.47 -25.04
C VAL A 337 9.68 8.56 -24.17
N ALA A 338 9.11 9.10 -23.11
CA ALA A 338 8.21 8.32 -22.21
C ALA A 338 6.98 7.83 -22.95
N ASP A 339 6.45 8.63 -23.87
CA ASP A 339 5.29 8.18 -24.70
C ASP A 339 5.67 6.96 -25.51
N ARG A 340 6.89 6.95 -26.08
CA ARG A 340 7.34 5.80 -26.86
C ARG A 340 7.55 4.60 -25.97
N LEU A 341 8.08 4.81 -24.77
CA LEU A 341 8.30 3.70 -23.85
C LEU A 341 6.95 3.15 -23.42
N ARG A 342 5.99 4.02 -23.19
CA ARG A 342 4.70 3.60 -22.69
C ARG A 342 3.95 2.74 -23.69
N SER A 343 4.21 2.92 -24.99
CA SER A 343 3.58 2.12 -26.03
C SER A 343 4.46 1.01 -26.62
N LEU A 344 5.67 0.89 -26.10
CA LEU A 344 6.65 -0.04 -26.65
C LEU A 344 6.23 -1.49 -26.41
N ILE A 345 6.47 -2.35 -27.39
CA ILE A 345 6.39 -3.80 -27.22
C ILE A 345 7.74 -4.38 -27.66
N PHE A 346 8.60 -4.69 -26.68
CA PHE A 346 10.01 -4.98 -26.96
C PHE A 346 10.30 -6.44 -26.59
N ARG A 347 10.60 -7.23 -27.61
CA ARG A 347 10.94 -8.65 -27.41
C ARG A 347 12.45 -8.80 -27.36
N GLY A 348 12.95 -9.02 -26.14
CA GLY A 348 14.36 -9.29 -25.89
C GLY A 348 14.54 -10.63 -25.21
N PRO A 349 15.74 -10.89 -24.66
CA PRO A 349 16.05 -12.20 -24.08
C PRO A 349 15.18 -12.62 -22.90
N VAL A 350 14.55 -11.67 -22.19
CA VAL A 350 13.66 -12.02 -21.09
C VAL A 350 12.21 -12.24 -21.50
N GLY A 351 11.92 -12.09 -22.79
CA GLY A 351 10.56 -12.16 -23.27
C GLY A 351 10.09 -10.76 -23.59
N THR A 352 8.77 -10.60 -23.72
CA THR A 352 8.22 -9.33 -24.12
C THR A 352 8.08 -8.34 -22.97
N MET A 353 8.60 -7.14 -23.20
CA MET A 353 8.46 -6.02 -22.26
C MET A 353 7.43 -5.09 -22.88
N ARG A 354 6.32 -4.93 -22.17
CA ARG A 354 5.23 -4.01 -22.55
C ARG A 354 4.64 -3.47 -21.26
N PHE A 355 4.23 -2.20 -21.27
CA PHE A 355 3.80 -1.53 -20.06
C PHE A 355 2.30 -1.33 -19.98
N HIS A 356 1.77 -1.50 -18.76
CA HIS A 356 0.44 -0.98 -18.41
C HIS A 356 0.51 0.55 -18.42
N ALA A 357 -0.43 1.18 -19.10
CA ALA A 357 -0.42 2.66 -19.20
C ALA A 357 -0.60 3.29 -17.82
N ASP A 358 -1.47 2.70 -17.01
CA ASP A 358 -1.92 3.31 -15.77
C ASP A 358 -0.89 3.17 -14.64
N THR A 359 -0.12 2.06 -14.65
CA THR A 359 0.89 1.82 -13.61
C THR A 359 2.33 2.00 -14.09
N GLN A 360 2.53 2.04 -15.40
CA GLN A 360 3.87 2.04 -15.98
C GLN A 360 4.73 0.91 -15.42
N SER A 361 4.10 -0.26 -15.26
CA SER A 361 4.76 -1.51 -14.91
C SER A 361 4.56 -2.54 -15.99
N ALA A 362 5.50 -3.48 -16.08
CA ALA A 362 5.45 -4.52 -17.11
C ALA A 362 4.25 -5.45 -16.95
N TRP A 363 3.64 -5.76 -18.08
CA TRP A 363 2.68 -6.84 -18.20
C TRP A 363 3.32 -8.19 -17.91
N SER A 364 2.61 -9.04 -17.19
CA SER A 364 3.06 -10.39 -16.85
C SER A 364 2.24 -11.46 -17.58
N TYR A 365 2.95 -12.38 -18.24
CA TYR A 365 2.40 -13.54 -18.95
C TYR A 365 2.73 -14.82 -18.15
N PRO A 366 1.75 -15.73 -17.96
CA PRO A 366 0.40 -15.77 -18.52
C PRO A 366 -0.66 -15.24 -17.58
N THR A 367 -0.23 -14.62 -16.46
CA THR A 367 -1.15 -14.20 -15.41
C THR A 367 -2.10 -13.07 -15.79
N GLU A 368 -1.57 -12.04 -16.44
CA GLU A 368 -2.36 -10.87 -16.82
C GLU A 368 -2.77 -10.90 -18.29
N THR A 369 -2.00 -11.62 -19.10
CA THR A 369 -2.29 -11.78 -20.53
C THR A 369 -2.00 -13.22 -20.92
N ASN A 370 -2.85 -13.74 -21.82
CA ASN A 370 -2.65 -15.07 -22.37
C ASN A 370 -1.73 -15.10 -23.60
N ASP A 371 -1.14 -13.96 -23.96
CA ASP A 371 -0.32 -13.86 -25.16
C ASP A 371 1.11 -13.44 -24.81
N PRO A 372 2.09 -14.33 -25.08
CA PRO A 372 3.47 -13.97 -24.71
C PRO A 372 4.10 -12.89 -25.60
N SER A 373 3.44 -12.53 -26.70
CA SER A 373 3.83 -11.33 -27.46
C SER A 373 3.37 -10.04 -26.81
N LEU A 374 2.65 -10.13 -25.69
CA LEU A 374 2.11 -8.97 -25.00
C LEU A 374 2.50 -8.87 -23.53
N GLY A 375 3.33 -9.79 -23.04
CA GLY A 375 3.76 -9.72 -21.65
C GLY A 375 4.97 -10.58 -21.38
N MET A 376 5.52 -10.36 -20.18
CA MET A 376 6.79 -10.90 -19.74
C MET A 376 6.55 -12.24 -19.01
N PRO A 377 7.20 -13.30 -19.47
CA PRO A 377 6.98 -14.62 -18.85
C PRO A 377 7.39 -14.67 -17.39
N HIS A 378 6.48 -15.18 -16.56
CA HIS A 378 6.75 -15.46 -15.16
C HIS A 378 7.25 -16.90 -15.14
N ILE A 379 8.57 -17.05 -15.04
CA ILE A 379 9.24 -18.31 -15.26
C ILE A 379 9.35 -19.12 -13.96
N PHE A 380 8.87 -20.36 -14.01
CA PHE A 380 8.97 -21.30 -12.88
C PHE A 380 10.00 -22.34 -13.19
N SER A 381 10.76 -22.73 -12.17
CA SER A 381 11.78 -23.76 -12.30
C SER A 381 11.59 -24.82 -11.22
N GLN A 382 12.17 -25.99 -11.46
CA GLN A 382 12.11 -27.10 -10.48
C GLN A 382 13.48 -27.71 -10.37
N ILE A 383 13.95 -27.93 -9.13
CA ILE A 383 15.29 -28.48 -8.95
C ILE A 383 15.25 -29.98 -9.22
N PHE A 384 16.21 -30.46 -10.00
CA PHE A 384 16.34 -31.89 -10.33
C PHE A 384 17.67 -32.49 -9.87
N ASP A 385 18.67 -31.65 -9.61
CA ASP A 385 19.99 -32.08 -9.15
C ASP A 385 20.58 -30.96 -8.33
N LYS A 386 21.09 -31.29 -7.15
CA LYS A 386 21.69 -30.29 -6.26
C LYS A 386 22.83 -29.50 -6.89
N ALA A 387 23.47 -30.10 -7.90
CA ALA A 387 24.62 -29.53 -8.57
C ALA A 387 24.21 -28.72 -9.79
N GLU A 388 22.92 -28.66 -10.10
CA GLU A 388 22.46 -27.92 -11.28
C GLU A 388 21.37 -26.90 -10.96
N ASP A 389 21.34 -25.87 -11.79
CA ASP A 389 20.26 -24.94 -11.80
C ASP A 389 18.95 -25.72 -12.04
N GLY A 390 17.84 -25.21 -11.54
CA GLY A 390 16.56 -25.83 -11.81
C GLY A 390 16.20 -25.82 -13.29
N VAL A 391 15.35 -26.76 -13.69
CA VAL A 391 14.82 -26.85 -15.07
C VAL A 391 13.56 -25.99 -15.20
N LEU A 392 13.41 -25.30 -16.34
CA LEU A 392 12.22 -24.48 -16.56
C LEU A 392 11.01 -25.35 -16.81
N ILE A 393 9.99 -25.20 -15.96
CA ILE A 393 8.74 -25.93 -16.06
C ILE A 393 7.50 -25.11 -16.35
N ALA A 394 7.63 -23.79 -16.45
CA ALA A 394 6.50 -22.95 -16.85
C ALA A 394 7.02 -21.56 -17.17
N PRO A 395 6.30 -20.83 -18.03
CA PRO A 395 5.08 -21.17 -18.72
C PRO A 395 5.35 -21.63 -20.15
N ALA A 396 4.46 -22.45 -20.72
CA ALA A 396 4.47 -22.71 -22.17
C ALA A 396 4.38 -21.34 -22.83
N PRO A 397 5.12 -21.10 -23.93
CA PRO A 397 5.94 -22.04 -24.72
C PRO A 397 7.42 -22.12 -24.36
N TYR A 398 7.77 -21.84 -23.10
CA TYR A 398 9.15 -21.73 -22.67
C TYR A 398 9.63 -22.90 -21.79
N LYS A 399 8.77 -23.91 -21.61
CA LYS A 399 9.14 -25.06 -20.79
C LYS A 399 10.25 -25.88 -21.43
N LYS A 400 11.15 -26.36 -20.58
CA LYS A 400 12.19 -27.32 -20.96
C LYS A 400 11.89 -28.71 -20.42
N ALA A 401 11.01 -28.79 -19.42
CA ALA A 401 10.47 -30.04 -18.89
C ALA A 401 9.13 -29.73 -18.26
N GLY A 402 8.42 -30.78 -17.86
CA GLY A 402 7.19 -30.65 -17.09
C GLY A 402 7.48 -30.76 -15.60
N PHE A 403 6.57 -30.26 -14.78
CA PHE A 403 6.61 -30.46 -13.34
C PHE A 403 6.64 -31.96 -13.06
N LYS A 404 7.50 -32.37 -12.13
CA LYS A 404 7.63 -33.76 -11.74
C LYS A 404 7.33 -33.88 -10.26
N MET A 405 6.54 -34.88 -9.88
CA MET A 405 6.17 -34.99 -8.48
CA MET A 405 6.18 -35.10 -8.47
C MET A 405 7.44 -35.07 -7.61
N PRO A 406 7.46 -34.26 -6.53
CA PRO A 406 8.67 -34.29 -5.71
C PRO A 406 8.94 -35.67 -5.11
N PRO A 407 10.22 -35.97 -4.85
CA PRO A 407 10.54 -37.31 -4.34
C PRO A 407 9.93 -37.63 -2.97
N TRP A 408 9.59 -36.61 -2.19
CA TRP A 408 8.95 -36.80 -0.88
C TRP A 408 7.44 -37.01 -0.96
N MET A 409 6.87 -36.84 -2.15
CA MET A 409 5.44 -37.02 -2.31
C MET A 409 5.16 -38.49 -2.63
N GLN B 8 -8.43 39.16 23.32
CA GLN B 8 -8.55 38.86 21.85
C GLN B 8 -7.26 39.26 21.12
N ALA B 9 -6.71 38.34 20.32
CA ALA B 9 -5.53 38.60 19.51
C ALA B 9 -5.89 39.57 18.39
N GLN B 10 -5.08 40.62 18.23
CA GLN B 10 -5.29 41.58 17.15
C GLN B 10 -3.95 41.88 16.47
N SER B 11 -3.98 41.90 15.14
CA SER B 11 -2.81 42.23 14.33
C SER B 11 -3.26 42.38 12.87
N SER B 12 -2.60 43.27 12.13
CA SER B 12 -2.78 43.31 10.66
C SER B 12 -1.77 42.35 9.97
N ASP B 13 -0.98 41.63 10.79
CA ASP B 13 -0.11 40.50 10.37
C ASP B 13 -0.49 39.16 11.10
N PRO B 14 -1.61 38.58 10.71
CA PRO B 14 -2.03 37.32 11.29
C PRO B 14 -1.17 36.12 10.89
N VAL B 15 -1.32 35.02 11.60
CA VAL B 15 -0.87 33.71 11.16
C VAL B 15 -1.88 33.22 10.14
N VAL B 16 -1.43 32.91 8.93
CA VAL B 16 -2.37 32.47 7.89
C VAL B 16 -2.39 30.95 7.86
N ILE B 17 -3.59 30.39 7.98
CA ILE B 17 -3.77 28.94 7.90
C ILE B 17 -4.68 28.69 6.73
N GLY B 18 -4.25 27.79 5.86
CA GLY B 18 -5.00 27.43 4.66
C GLY B 18 -5.76 26.16 4.84
N CYS B 19 -6.97 26.12 4.27
CA CYS B 19 -7.83 24.96 4.34
C CYS B 19 -8.30 24.58 2.93
N PRO B 20 -7.66 23.57 2.31
CA PRO B 20 -8.17 22.98 1.06
C PRO B 20 -9.29 21.99 1.33
N ALA B 21 -10.51 22.32 0.85
CA ALA B 21 -11.69 21.56 1.21
C ALA B 21 -12.64 21.47 0.02
N PRO B 22 -13.42 20.39 -0.07
CA PRO B 22 -14.37 20.27 -1.18
C PRO B 22 -15.65 21.06 -0.88
N LEU B 23 -15.63 22.37 -1.17
CA LEU B 23 -16.74 23.27 -0.77
C LEU B 23 -17.89 23.23 -1.78
N THR B 24 -17.61 22.74 -2.98
CA THR B 24 -18.60 22.48 -4.01
C THR B 24 -18.42 21.07 -4.54
N GLY B 25 -19.41 20.59 -5.30
CA GLY B 25 -19.35 19.25 -5.89
C GLY B 25 -20.01 18.23 -5.02
N ILE B 26 -19.77 16.97 -5.35
CA ILE B 26 -20.53 15.87 -4.75
C ILE B 26 -20.35 15.72 -3.24
N VAL B 27 -19.19 16.08 -2.69
CA VAL B 27 -19.02 16.03 -1.22
C VAL B 27 -18.97 17.43 -0.58
N ALA B 28 -19.60 18.40 -1.23
CA ALA B 28 -19.73 19.76 -0.69
C ALA B 28 -20.19 19.78 0.76
N ALA B 29 -21.14 18.91 1.12
CA ALA B 29 -21.72 18.90 2.48
C ALA B 29 -20.61 18.72 3.52
N ASP B 30 -19.66 17.83 3.26
CA ASP B 30 -18.54 17.58 4.18
C ASP B 30 -17.56 18.73 4.17
N GLY B 31 -17.22 19.23 2.98
CA GLY B 31 -16.34 20.39 2.86
C GLY B 31 -16.80 21.58 3.63
N ILE B 32 -18.10 21.86 3.54
CA ILE B 32 -18.69 22.98 4.28
C ILE B 32 -18.53 22.77 5.79
N GLU B 33 -18.67 21.53 6.26
CA GLU B 33 -18.50 21.26 7.68
C GLU B 33 -17.05 21.42 8.11
N PHE B 34 -16.09 21.02 7.26
CA PHE B 34 -14.67 21.25 7.56
C PHE B 34 -14.37 22.74 7.72
N GLN B 35 -14.92 23.55 6.84
CA GLN B 35 -14.85 25.01 6.96
C GLN B 35 -15.47 25.49 8.28
N ARG B 36 -16.64 25.01 8.62
CA ARG B 36 -17.29 25.46 9.85
C ARG B 36 -16.49 25.11 11.10
N GLY B 37 -15.96 23.90 11.12
CA GLY B 37 -15.17 23.44 12.27
C GLY B 37 -13.91 24.23 12.46
N ILE B 38 -13.20 24.53 11.38
CA ILE B 38 -11.94 25.23 11.50
C ILE B 38 -12.18 26.70 11.87
N GLN B 39 -13.24 27.29 11.31
CA GLN B 39 -13.63 28.65 11.70
C GLN B 39 -14.01 28.75 13.18
N MET B 40 -14.71 27.78 13.72
CA MET B 40 -15.06 27.78 15.14
C MET B 40 -13.79 27.71 16.01
N ALA B 41 -12.86 26.83 15.64
CA ALA B 41 -11.60 26.74 16.39
C ALA B 41 -10.82 28.05 16.32
N ALA B 42 -10.73 28.64 15.13
CA ALA B 42 -9.99 29.87 14.96
C ALA B 42 -10.60 30.96 15.82
N ASP B 43 -11.92 31.08 15.84
CA ASP B 43 -12.56 32.06 16.68
C ASP B 43 -12.27 31.87 18.16
N GLU B 44 -12.36 30.63 18.64
CA GLU B 44 -12.11 30.35 20.05
C GLU B 44 -10.67 30.65 20.47
N ILE B 45 -9.73 30.24 19.62
CA ILE B 45 -8.32 30.47 19.90
C ILE B 45 -8.05 31.99 19.86
N ASN B 46 -8.59 32.66 18.85
CA ASN B 46 -8.40 34.12 18.73
C ASN B 46 -9.01 34.88 19.92
N ALA B 47 -10.09 34.35 20.48
CA ALA B 47 -10.75 35.01 21.62
C ALA B 47 -9.86 35.09 22.86
N VAL B 48 -8.90 34.18 23.00
CA VAL B 48 -8.10 34.11 24.23
C VAL B 48 -6.64 34.35 23.99
N GLY B 49 -6.34 35.03 22.88
CA GLY B 49 -4.97 35.49 22.58
C GLY B 49 -4.31 35.01 21.31
N GLY B 50 -5.04 34.35 20.41
CA GLY B 50 -4.46 33.83 19.17
C GLY B 50 -3.33 32.86 19.43
N ILE B 51 -2.37 32.78 18.48
CA ILE B 51 -1.15 32.02 18.72
C ILE B 51 -0.09 33.03 19.16
N LEU B 52 0.26 33.00 20.46
CA LEU B 52 1.21 33.95 21.05
C LEU B 52 0.84 35.40 20.71
N GLY B 53 -0.45 35.73 20.76
CA GLY B 53 -0.89 37.11 20.46
C GLY B 53 -1.16 37.42 19.00
N ARG B 54 -0.82 36.50 18.09
CA ARG B 54 -1.06 36.69 16.69
C ARG B 54 -2.38 36.00 16.32
N PRO B 55 -3.34 36.76 15.78
CA PRO B 55 -4.60 36.16 15.36
C PRO B 55 -4.44 35.22 14.17
N ILE B 56 -5.23 34.17 14.18
CA ILE B 56 -5.31 33.25 13.04
C ILE B 56 -6.27 33.84 12.01
N GLU B 57 -5.80 33.92 10.77
CA GLU B 57 -6.61 34.24 9.61
C GLU B 57 -6.70 33.00 8.74
N LEU B 58 -7.91 32.60 8.39
CA LEU B 58 -8.10 31.42 7.55
C LEU B 58 -8.30 31.82 6.08
N VAL B 59 -7.67 31.07 5.20
CA VAL B 59 -7.91 31.19 3.75
CA VAL B 59 -7.91 31.18 3.74
C VAL B 59 -8.36 29.82 3.22
N PHE B 60 -9.33 29.81 2.32
CA PHE B 60 -9.91 28.58 1.83
C PHE B 60 -9.61 28.40 0.35
N ALA B 61 -9.42 27.15 -0.05
CA ALA B 61 -9.31 26.82 -1.46
C ALA B 61 -10.28 25.72 -1.71
N ASP B 62 -11.22 25.95 -2.63
CA ASP B 62 -12.23 24.97 -2.97
C ASP B 62 -11.65 23.96 -3.96
N THR B 63 -11.57 22.70 -3.52
CA THR B 63 -11.06 21.63 -4.36
C THR B 63 -12.18 21.02 -5.21
N GLN B 64 -13.41 21.51 -5.01
CA GLN B 64 -14.54 21.20 -5.93
C GLN B 64 -14.91 19.73 -6.00
N SER B 65 -14.56 18.97 -4.96
CA SER B 65 -14.74 17.50 -4.97
C SER B 65 -14.03 16.81 -6.14
N LYS B 66 -12.97 17.45 -6.63
CA LYS B 66 -12.15 16.96 -7.74
C LYS B 66 -10.88 16.28 -7.22
N GLY B 67 -10.06 15.74 -8.13
CA GLY B 67 -8.99 14.87 -7.76
C GLY B 67 -7.65 15.52 -7.50
N VAL B 68 -6.61 14.71 -7.63
CA VAL B 68 -5.24 15.07 -7.24
C VAL B 68 -4.74 16.37 -7.85
N ASP B 69 -4.92 16.58 -9.16
CA ASP B 69 -4.34 17.77 -9.79
C ASP B 69 -4.95 19.04 -9.20
N VAL B 70 -6.26 19.01 -8.97
CA VAL B 70 -6.96 20.18 -8.41
C VAL B 70 -6.60 20.37 -6.91
N VAL B 71 -6.44 19.27 -6.18
CA VAL B 71 -6.05 19.36 -4.77
C VAL B 71 -4.67 19.98 -4.62
N ILE B 72 -3.73 19.52 -5.46
CA ILE B 72 -2.38 20.05 -5.46
C ILE B 72 -2.36 21.54 -5.83
N GLN B 73 -3.06 21.91 -6.90
CA GLN B 73 -3.09 23.31 -7.32
CA GLN B 73 -3.14 23.31 -7.33
C GLN B 73 -3.70 24.19 -6.22
N SER B 74 -4.71 23.68 -5.53
CA SER B 74 -5.38 24.40 -4.45
C SER B 74 -4.44 24.63 -3.27
N ALA B 75 -3.78 23.55 -2.85
CA ALA B 75 -2.75 23.62 -1.81
C ALA B 75 -1.62 24.60 -2.16
N GLN B 76 -1.09 24.49 -3.38
CA GLN B 76 -0.03 25.38 -3.86
CA GLN B 76 -0.02 25.37 -3.80
C GLN B 76 -0.44 26.86 -3.81
N ARG B 77 -1.67 27.13 -4.22
CA ARG B 77 -2.19 28.51 -4.24
C ARG B 77 -2.27 29.08 -2.82
N LEU B 78 -2.73 28.27 -1.87
CA LEU B 78 -2.79 28.73 -0.49
C LEU B 78 -1.42 29.12 0.05
N ILE B 79 -0.39 28.37 -0.32
CA ILE B 79 0.97 28.67 0.11
C ILE B 79 1.54 29.87 -0.66
N ASP B 80 1.49 29.79 -1.99
CA ASP B 80 2.23 30.76 -2.80
C ASP B 80 1.50 32.09 -2.97
N ARG B 81 0.17 32.06 -3.10
CA ARG B 81 -0.58 33.30 -3.22
C ARG B 81 -1.03 33.87 -1.87
N ASP B 82 -1.44 32.99 -0.95
CA ASP B 82 -2.01 33.41 0.34
C ASP B 82 -1.05 33.35 1.53
N ASN B 83 0.17 32.86 1.30
CA ASN B 83 1.26 32.82 2.29
C ASN B 83 0.93 31.95 3.54
N ALA B 84 0.20 30.86 3.31
CA ALA B 84 -0.18 29.94 4.41
C ALA B 84 1.04 29.30 5.04
N SER B 85 1.11 29.37 6.37
CA SER B 85 2.08 28.67 7.18
C SER B 85 1.78 27.21 7.40
N ALA B 86 0.51 26.83 7.26
CA ALA B 86 0.10 25.45 7.43
C ALA B 86 -1.13 25.23 6.61
N LEU B 87 -1.32 23.99 6.18
CA LEU B 87 -2.56 23.57 5.52
C LEU B 87 -3.25 22.58 6.42
N ILE B 88 -4.55 22.78 6.64
CA ILE B 88 -5.34 21.87 7.44
C ILE B 88 -6.60 21.48 6.65
N ALA B 89 -6.70 20.18 6.40
CA ALA B 89 -7.79 19.58 5.65
C ALA B 89 -8.60 18.62 6.53
N GLY B 90 -9.83 18.34 6.13
CA GLY B 90 -10.54 17.12 6.58
C GLY B 90 -10.11 16.02 5.63
N TYR B 91 -10.83 15.87 4.55
CA TYR B 91 -10.36 15.05 3.45
C TYR B 91 -10.71 15.76 2.15
N ASN B 92 -10.05 15.30 1.08
CA ASN B 92 -10.37 15.69 -0.29
C ASN B 92 -10.44 14.40 -1.09
N LEU B 93 -11.02 14.45 -2.31
CA LEU B 93 -11.18 13.24 -3.10
C LEU B 93 -9.93 12.94 -3.93
N GLU B 94 -8.84 12.74 -3.22
CA GLU B 94 -7.55 12.34 -3.77
C GLU B 94 -7.17 11.00 -3.13
N ASN B 95 -6.09 10.36 -3.59
CA ASN B 95 -5.70 9.06 -3.03
CA ASN B 95 -5.62 9.09 -3.05
C ASN B 95 -5.18 9.15 -1.57
N GLY B 96 -4.73 10.33 -1.16
CA GLY B 96 -4.29 10.56 0.21
C GLY B 96 -2.90 11.14 0.40
N THR B 97 -2.09 11.18 -0.68
CA THR B 97 -0.71 11.60 -0.54
C THR B 97 -0.38 12.83 -1.40
N ALA B 98 -1.40 13.55 -1.82
CA ALA B 98 -1.22 14.75 -2.68
C ALA B 98 -0.55 15.90 -1.93
N LEU B 99 -0.79 15.99 -0.62
CA LEU B 99 -0.29 17.13 0.15
C LEU B 99 1.17 17.01 0.53
N HIS B 100 1.69 15.78 0.62
CA HIS B 100 3.03 15.55 1.20
C HIS B 100 4.15 16.34 0.50
N ASP B 101 4.22 16.25 -0.83
CA ASP B 101 5.30 17.00 -1.55
C ASP B 101 5.07 18.51 -1.57
N VAL B 102 3.81 18.91 -1.58
CA VAL B 102 3.51 20.36 -1.56
C VAL B 102 4.04 20.96 -0.25
N ALA B 103 3.71 20.30 0.86
CA ALA B 103 4.16 20.74 2.16
C ALA B 103 5.69 20.68 2.29
N ALA B 104 6.29 19.57 1.87
CA ALA B 104 7.73 19.37 2.02
C ALA B 104 8.50 20.40 1.19
N ASP B 105 8.04 20.63 -0.03
CA ASP B 105 8.75 21.52 -0.94
C ASP B 105 8.63 22.99 -0.53
N ALA B 106 7.57 23.34 0.22
CA ALA B 106 7.42 24.70 0.71
C ALA B 106 7.86 24.85 2.18
N GLY B 107 8.31 23.77 2.81
CA GLY B 107 8.71 23.82 4.22
C GLY B 107 7.61 24.23 5.21
N VAL B 108 6.39 23.79 4.95
CA VAL B 108 5.26 24.10 5.83
C VAL B 108 4.65 22.83 6.37
N ILE B 109 3.70 22.96 7.30
CA ILE B 109 3.02 21.80 7.86
C ILE B 109 1.70 21.56 7.15
N ALA B 110 1.37 20.29 6.92
CA ALA B 110 0.03 19.93 6.42
C ALA B 110 -0.55 18.94 7.41
N MET B 111 -1.84 19.09 7.71
CA MET B 111 -2.57 18.17 8.57
C MET B 111 -3.83 17.74 7.81
N HIS B 112 -4.11 16.44 7.82
CA HIS B 112 -5.30 15.93 7.14
C HIS B 112 -5.87 14.72 7.86
N ALA B 113 -7.12 14.42 7.52
CA ALA B 113 -7.77 13.21 7.98
C ALA B 113 -8.27 12.44 6.78
N ASN B 114 -7.39 12.26 5.79
CA ASN B 114 -7.75 11.47 4.61
C ASN B 114 -8.03 10.00 4.97
N THR B 115 -7.48 9.54 6.10
CA THR B 115 -7.82 8.22 6.69
C THR B 115 -7.30 7.10 5.80
N VAL B 116 -5.99 7.14 5.58
CA VAL B 116 -5.35 6.28 4.58
C VAL B 116 -4.03 5.69 5.03
N ALA B 117 -3.87 4.40 4.80
CA ALA B 117 -2.61 3.70 5.05
C ALA B 117 -1.50 4.25 4.13
N VAL B 118 -1.85 4.75 2.95
CA VAL B 118 -0.83 5.32 2.07
C VAL B 118 -0.10 6.53 2.68
N HIS B 119 -0.77 7.29 3.57
CA HIS B 119 -0.09 8.33 4.31
C HIS B 119 1.04 7.73 5.15
N ASP B 120 0.73 6.65 5.87
CA ASP B 120 1.71 6.05 6.77
C ASP B 120 2.92 5.58 5.96
N GLU B 121 2.64 4.91 4.84
CA GLU B 121 3.63 4.38 3.88
CA GLU B 121 3.74 4.39 4.05
C GLU B 121 4.53 5.50 3.33
N MET B 122 3.87 6.61 2.97
CA MET B 122 4.59 7.77 2.42
C MET B 122 5.57 8.36 3.44
N VAL B 123 5.12 8.61 4.66
CA VAL B 123 6.00 9.19 5.68
C VAL B 123 7.15 8.25 5.97
N LYS B 124 6.86 6.95 6.12
CA LYS B 124 7.90 5.97 6.40
C LYS B 124 8.90 5.83 5.22
N SER B 125 8.45 6.15 4.03
CA SER B 125 9.30 6.04 2.81
C SER B 125 10.44 7.05 2.83
N ASP B 126 10.27 8.15 3.58
CA ASP B 126 11.26 9.21 3.62
C ASP B 126 10.95 10.16 4.79
N PRO B 127 11.08 9.68 6.04
CA PRO B 127 10.70 10.50 7.21
C PRO B 127 11.49 11.79 7.37
N ASP B 128 12.75 11.82 6.92
CA ASP B 128 13.52 13.04 7.01
C ASP B 128 12.95 14.13 6.10
N ARG B 129 12.31 13.76 5.00
CA ARG B 129 11.70 14.70 4.08
C ARG B 129 10.28 15.07 4.51
N TYR B 130 9.54 14.07 4.96
CA TYR B 130 8.10 14.21 5.18
C TYR B 130 7.79 14.51 6.63
N TRP B 131 8.68 15.28 7.24
CA TRP B 131 8.54 15.70 8.61
C TRP B 131 7.32 16.55 8.89
N GLY B 132 6.74 17.17 7.85
CA GLY B 132 5.69 18.17 8.04
C GLY B 132 4.26 17.76 7.83
N THR B 133 4.00 16.53 7.33
CA THR B 133 2.63 16.08 7.04
C THR B 133 2.15 15.09 8.10
N PHE B 134 0.99 15.40 8.67
CA PHE B 134 0.42 14.66 9.79
C PHE B 134 -0.98 14.26 9.43
N GLN B 135 -1.31 13.01 9.70
CA GLN B 135 -2.66 12.49 9.55
C GLN B 135 -3.23 12.42 10.97
N TYR B 136 -4.20 13.27 11.27
CA TYR B 136 -4.68 13.41 12.64
C TYR B 136 -5.81 12.46 13.07
N ASP B 137 -6.13 11.49 12.21
CA ASP B 137 -6.81 10.28 12.62
C ASP B 137 -5.99 9.06 12.26
N PRO B 138 -6.38 7.87 12.75
CA PRO B 138 -5.71 6.67 12.26
C PRO B 138 -6.05 6.35 10.81
N PRO B 139 -5.22 5.54 10.13
CA PRO B 139 -5.56 5.08 8.77
C PRO B 139 -6.79 4.17 8.73
N GLU B 140 -7.38 3.98 7.55
CA GLU B 140 -8.58 3.17 7.42
C GLU B 140 -8.40 1.72 7.89
N THR B 141 -7.16 1.21 7.87
CA THR B 141 -6.82 -0.12 8.38
C THR B 141 -7.39 -0.34 9.77
N LEU B 142 -7.41 0.72 10.59
CA LEU B 142 -7.87 0.54 11.96
C LEU B 142 -9.36 0.25 12.04
N TYR B 143 -10.12 0.58 11.00
CA TYR B 143 -11.52 0.15 10.98
C TYR B 143 -11.59 -1.37 11.08
N GLY B 144 -10.64 -2.04 10.47
CA GLY B 144 -10.57 -3.51 10.53
C GLY B 144 -10.05 -4.05 11.84
N GLY B 145 -8.85 -3.64 12.19
CA GLY B 145 -8.22 -4.12 13.41
C GLY B 145 -9.01 -3.71 14.64
N GLY B 146 -9.55 -2.49 14.60
CA GLY B 146 -10.38 -1.98 15.69
C GLY B 146 -11.71 -2.69 15.82
N PHE B 147 -12.27 -3.15 14.69
CA PHE B 147 -13.50 -3.94 14.75
C PHE B 147 -13.25 -5.24 15.52
N LEU B 148 -12.12 -5.91 15.26
CA LEU B 148 -11.85 -7.18 15.91
C LEU B 148 -11.68 -6.98 17.41
N LYS B 149 -11.01 -5.88 17.77
CA LYS B 149 -10.83 -5.51 19.19
C LYS B 149 -12.18 -5.23 19.85
N PHE B 150 -13.04 -4.48 19.15
CA PHE B 150 -14.42 -4.24 19.60
C PHE B 150 -15.14 -5.56 19.90
N LEU B 151 -15.07 -6.49 18.95
CA LEU B 151 -15.72 -7.78 19.08
CA LEU B 151 -15.71 -7.81 19.08
C LEU B 151 -15.17 -8.53 20.31
N LYS B 152 -13.85 -8.54 20.48
CA LYS B 152 -13.28 -9.16 21.67
C LYS B 152 -13.85 -8.56 22.96
N ASP B 153 -13.93 -7.23 23.01
CA ASP B 153 -14.33 -6.62 24.28
C ASP B 153 -15.81 -6.83 24.60
N ILE B 154 -16.70 -6.85 23.60
CA ILE B 154 -18.12 -7.14 23.90
C ILE B 154 -18.31 -8.59 24.28
N GLU B 155 -17.43 -9.47 23.81
CA GLU B 155 -17.50 -10.88 24.19
C GLU B 155 -17.00 -11.07 25.61
N ASP B 156 -15.87 -10.46 25.92
CA ASP B 156 -15.27 -10.56 27.26
C ASP B 156 -16.17 -9.92 28.32
N ASN B 157 -16.93 -8.89 27.96
CA ASN B 157 -17.87 -8.24 28.89
C ASN B 157 -19.21 -8.95 29.03
N GLY B 158 -19.37 -10.08 28.33
CA GLY B 158 -20.62 -10.83 28.31
C GLY B 158 -21.80 -10.22 27.58
N GLU B 159 -21.58 -9.20 26.75
CA GLU B 159 -22.69 -8.56 26.04
C GLU B 159 -23.03 -9.31 24.75
N PHE B 160 -22.04 -10.00 24.21
CA PHE B 160 -22.16 -10.80 22.99
C PHE B 160 -21.59 -12.18 23.22
N SER B 161 -22.37 -13.22 22.92
CA SER B 161 -21.88 -14.60 22.89
C SER B 161 -21.88 -15.05 21.44
N ARG B 162 -20.71 -15.33 20.88
CA ARG B 162 -20.63 -15.67 19.44
C ARG B 162 -21.42 -16.98 19.19
N PRO B 163 -22.35 -17.00 18.21
CA PRO B 163 -23.04 -18.28 17.92
C PRO B 163 -22.10 -19.38 17.41
N ASN B 164 -21.04 -18.98 16.72
CA ASN B 164 -20.00 -19.85 16.25
C ASN B 164 -18.72 -19.02 15.98
N ASN B 165 -17.70 -19.59 15.34
CA ASN B 165 -16.45 -18.86 15.12
C ASN B 165 -16.33 -18.21 13.73
N LYS B 166 -17.45 -18.08 13.03
CA LYS B 166 -17.41 -17.60 11.66
C LYS B 166 -17.66 -16.10 11.51
N ILE B 167 -16.84 -15.47 10.67
CA ILE B 167 -17.07 -14.09 10.24
C ILE B 167 -17.21 -14.04 8.72
N ALA B 168 -18.23 -13.36 8.24
CA ALA B 168 -18.46 -13.16 6.80
C ALA B 168 -18.13 -11.72 6.50
N ILE B 169 -17.35 -11.50 5.45
CA ILE B 169 -16.87 -10.17 5.10
C ILE B 169 -17.29 -9.90 3.65
N ILE B 170 -17.99 -8.80 3.45
CA ILE B 170 -18.56 -8.43 2.14
C ILE B 170 -18.06 -7.04 1.76
N THR B 171 -17.35 -6.96 0.64
CA THR B 171 -16.66 -5.74 0.27
C THR B 171 -17.02 -5.33 -1.15
N GLY B 172 -16.94 -4.02 -1.40
CA GLY B 172 -16.89 -3.49 -2.75
C GLY B 172 -15.47 -3.57 -3.27
N PRO B 173 -15.25 -3.13 -4.52
CA PRO B 173 -13.94 -3.33 -5.16
C PRO B 173 -12.83 -2.33 -4.84
N GLY B 174 -13.19 -1.19 -4.26
CA GLY B 174 -12.29 -0.08 -4.08
C GLY B 174 -11.37 -0.24 -2.88
N ILE B 175 -10.35 0.61 -2.85
CA ILE B 175 -9.26 0.47 -1.90
C ILE B 175 -9.69 0.63 -0.44
N TYR B 176 -10.59 1.55 -0.16
CA TYR B 176 -11.06 1.71 1.24
C TYR B 176 -11.74 0.43 1.72
N SER B 177 -12.74 -0.01 0.97
CA SER B 177 -13.52 -1.20 1.36
C SER B 177 -12.64 -2.44 1.43
N VAL B 178 -11.74 -2.62 0.45
CA VAL B 178 -10.87 -3.78 0.44
C VAL B 178 -9.83 -3.74 1.55
N ASN B 179 -9.25 -2.58 1.84
CA ASN B 179 -8.26 -2.50 2.93
C ASN B 179 -8.84 -2.84 4.29
N ILE B 180 -10.06 -2.35 4.54
CA ILE B 180 -10.73 -2.63 5.81
C ILE B 180 -11.04 -4.14 5.84
N ALA B 181 -11.61 -4.66 4.75
CA ALA B 181 -11.97 -6.09 4.70
C ALA B 181 -10.77 -7.02 4.93
N ASN B 182 -9.66 -6.70 4.28
CA ASN B 182 -8.45 -7.51 4.44
C ASN B 182 -7.81 -7.39 5.83
N ALA B 183 -7.92 -6.22 6.45
CA ALA B 183 -7.47 -6.08 7.83
C ALA B 183 -8.23 -7.05 8.74
N ILE B 184 -9.56 -7.15 8.53
CA ILE B 184 -10.37 -8.06 9.32
C ILE B 184 -10.04 -9.52 9.00
N ARG B 185 -9.93 -9.83 7.71
CA ARG B 185 -9.61 -11.19 7.28
C ARG B 185 -8.29 -11.69 7.87
N ASP B 186 -7.29 -10.84 7.79
CA ASP B 186 -5.93 -11.22 8.20
C ASP B 186 -5.79 -11.31 9.73
N GLY B 187 -6.57 -10.49 10.45
CA GLY B 187 -6.53 -10.48 11.89
C GLY B 187 -7.45 -11.45 12.61
N ALA B 188 -8.42 -12.03 11.89
CA ALA B 188 -9.50 -12.80 12.53
C ALA B 188 -8.99 -13.99 13.34
N GLY B 189 -7.98 -14.70 12.80
CA GLY B 189 -7.46 -15.92 13.44
C GLY B 189 -6.90 -15.71 14.85
N GLU B 190 -6.25 -14.56 15.07
CA GLU B 190 -5.70 -14.22 16.40
C GLU B 190 -6.83 -14.17 17.44
N TYR B 191 -8.04 -13.83 16.99
CA TYR B 191 -9.19 -13.74 17.87
C TYR B 191 -10.06 -14.99 17.89
N GLY B 192 -9.61 -16.07 17.24
CA GLY B 192 -10.34 -17.33 17.20
C GLY B 192 -11.46 -17.38 16.19
N TYR B 193 -11.48 -16.42 15.25
CA TYR B 193 -12.49 -16.42 14.19
C TYR B 193 -11.90 -16.98 12.90
N ASP B 194 -12.75 -17.71 12.16
CA ASP B 194 -12.49 -18.16 10.80
C ASP B 194 -13.33 -17.35 9.83
N VAL B 195 -12.77 -16.98 8.70
CA VAL B 195 -13.52 -16.25 7.67
C VAL B 195 -14.34 -17.26 6.82
N SER B 196 -15.66 -17.26 6.97
CA SER B 196 -16.52 -18.22 6.29
C SER B 196 -16.88 -17.76 4.89
N LEU B 197 -16.75 -16.47 4.64
CA LEU B 197 -17.11 -15.90 3.35
C LEU B 197 -16.30 -14.63 3.23
N PHE B 198 -15.58 -14.49 2.11
CA PHE B 198 -15.02 -13.20 1.73
C PHE B 198 -15.55 -12.94 0.33
N GLU B 199 -16.41 -11.95 0.20
CA GLU B 199 -17.18 -11.73 -1.00
C GLU B 199 -16.97 -10.31 -1.51
N THR B 200 -16.58 -10.17 -2.78
CA THR B 200 -16.43 -8.88 -3.39
C THR B 200 -17.61 -8.70 -4.32
N VAL B 201 -18.35 -7.60 -4.17
CA VAL B 201 -19.51 -7.36 -5.01
C VAL B 201 -19.31 -6.15 -5.91
N ALA B 202 -19.98 -6.17 -7.05
CA ALA B 202 -19.98 -5.01 -7.93
C ALA B 202 -20.91 -3.97 -7.34
N ILE B 203 -20.55 -2.70 -7.52
CA ILE B 203 -21.30 -1.59 -6.93
C ILE B 203 -21.66 -0.56 -8.01
N PRO B 204 -22.74 0.18 -7.80
CA PRO B 204 -23.70 0.05 -6.69
C PRO B 204 -24.53 -1.24 -6.75
N VAL B 205 -25.04 -1.67 -5.60
CA VAL B 205 -25.73 -2.95 -5.50
C VAL B 205 -27.23 -2.69 -5.61
N SER B 206 -27.87 -3.39 -6.55
CA SER B 206 -29.33 -3.35 -6.70
C SER B 206 -30.01 -4.62 -6.15
N ASP B 207 -29.23 -5.63 -5.80
CA ASP B 207 -29.76 -6.92 -5.32
C ASP B 207 -28.66 -7.71 -4.62
N TRP B 208 -28.81 -7.93 -3.32
CA TRP B 208 -27.85 -8.69 -2.55
C TRP B 208 -28.17 -10.20 -2.51
N GLY B 209 -29.15 -10.63 -3.31
CA GLY B 209 -29.61 -12.01 -3.27
C GLY B 209 -28.52 -13.09 -3.26
N PRO B 210 -27.56 -12.99 -4.18
CA PRO B 210 -26.56 -14.04 -4.23
C PRO B 210 -25.75 -14.16 -2.92
N THR B 211 -25.36 -13.01 -2.37
CA THR B 211 -24.65 -12.97 -1.09
C THR B 211 -25.49 -13.50 0.04
N LEU B 212 -26.74 -13.08 0.11
CA LEU B 212 -27.62 -13.51 1.19
C LEU B 212 -27.88 -15.01 1.15
N ALA B 213 -27.99 -15.57 -0.05
CA ALA B 213 -28.13 -17.05 -0.17
C ALA B 213 -26.93 -17.77 0.45
N LYS B 214 -25.72 -17.30 0.18
CA LYS B 214 -24.52 -17.87 0.77
C LYS B 214 -24.51 -17.75 2.29
N LEU B 215 -24.91 -16.59 2.81
CA LEU B 215 -25.01 -16.38 4.24
C LEU B 215 -25.98 -17.34 4.88
N ARG B 216 -27.15 -17.50 4.27
CA ARG B 216 -28.19 -18.34 4.85
C ARG B 216 -27.83 -19.82 4.85
N ALA B 217 -26.99 -20.21 3.90
CA ALA B 217 -26.51 -21.60 3.78
C ALA B 217 -25.33 -21.92 4.71
N ASP B 218 -24.70 -20.89 5.29
CA ASP B 218 -23.61 -21.09 6.25
C ASP B 218 -23.61 -19.91 7.24
N PRO B 219 -24.63 -19.86 8.12
CA PRO B 219 -24.83 -18.65 8.92
C PRO B 219 -23.66 -18.37 9.83
N PRO B 220 -23.10 -17.16 9.73
CA PRO B 220 -21.92 -16.83 10.50
C PRO B 220 -22.32 -16.19 11.84
N ALA B 221 -21.36 -16.02 12.73
CA ALA B 221 -21.61 -15.30 13.98
C ALA B 221 -21.65 -13.79 13.75
N VAL B 222 -20.94 -13.34 12.73
CA VAL B 222 -20.71 -11.91 12.48
C VAL B 222 -20.73 -11.69 10.98
N ILE B 223 -21.40 -10.62 10.57
CA ILE B 223 -21.43 -10.15 9.17
C ILE B 223 -20.88 -8.75 9.16
N VAL B 224 -19.80 -8.55 8.41
CA VAL B 224 -19.25 -7.24 8.16
C VAL B 224 -19.45 -6.86 6.70
N VAL B 225 -20.03 -5.68 6.46
CA VAL B 225 -20.16 -5.13 5.11
C VAL B 225 -19.29 -3.88 5.07
N THR B 226 -18.19 -3.94 4.31
CA THR B 226 -17.29 -2.81 4.20
C THR B 226 -17.62 -1.95 2.99
N HIS B 227 -18.47 -2.45 2.08
CA HIS B 227 -19.08 -1.54 1.11
C HIS B 227 -19.94 -0.56 1.90
N PHE B 228 -19.85 0.73 1.57
CA PHE B 228 -20.23 1.82 2.47
C PHE B 228 -21.39 2.72 2.04
N TYR B 229 -21.95 2.53 0.85
CA TYR B 229 -23.02 3.40 0.36
C TYR B 229 -24.25 3.18 1.24
N PRO B 230 -24.81 4.27 1.76
CA PRO B 230 -25.91 4.09 2.69
C PRO B 230 -27.18 3.49 2.06
N GLN B 231 -27.50 3.86 0.83
CA GLN B 231 -28.69 3.27 0.16
C GLN B 231 -28.50 1.74 -0.02
N ASP B 232 -27.28 1.33 -0.37
CA ASP B 232 -26.99 -0.07 -0.65
C ASP B 232 -27.03 -0.88 0.65
N GLN B 233 -26.52 -0.28 1.73
CA GLN B 233 -26.60 -0.92 3.06
C GLN B 233 -28.03 -1.07 3.57
N ALA B 234 -28.88 -0.09 3.30
CA ALA B 234 -30.29 -0.14 3.68
C ALA B 234 -31.00 -1.24 2.90
N LEU B 235 -30.65 -1.38 1.62
CA LEU B 235 -31.20 -2.46 0.80
C LEU B 235 -30.77 -3.81 1.38
N PHE B 236 -29.50 -3.89 1.80
CA PHE B 236 -29.00 -5.10 2.39
C PHE B 236 -29.87 -5.47 3.57
N MET B 237 -30.15 -4.53 4.47
CA MET B 237 -30.86 -4.82 5.69
C MET B 237 -32.32 -5.17 5.36
N ASN B 238 -32.89 -4.51 4.36
CA ASN B 238 -34.30 -4.82 4.01
C ASN B 238 -34.43 -6.22 3.43
N GLN B 239 -33.46 -6.63 2.61
CA GLN B 239 -33.40 -8.00 2.06
C GLN B 239 -33.03 -9.05 3.12
N PHE B 240 -32.05 -8.72 3.97
CA PHE B 240 -31.63 -9.58 5.09
C PHE B 240 -32.80 -9.94 6.02
N MET B 241 -33.62 -8.94 6.36
CA MET B 241 -34.62 -9.09 7.40
C MET B 241 -35.85 -9.89 6.94
N THR B 242 -35.95 -10.18 5.65
CA THR B 242 -36.95 -11.17 5.20
C THR B 242 -36.65 -12.59 5.73
N ASP B 243 -35.37 -12.86 6.09
CA ASP B 243 -34.94 -14.15 6.62
C ASP B 243 -33.51 -14.01 7.22
N PRO B 244 -33.41 -13.34 8.37
CA PRO B 244 -32.09 -12.98 8.92
C PRO B 244 -31.38 -14.16 9.55
N THR B 245 -30.07 -14.21 9.36
CA THR B 245 -29.22 -15.18 10.01
C THR B 245 -28.91 -14.71 11.44
N ASN B 246 -28.50 -15.65 12.29
CA ASN B 246 -28.25 -15.39 13.70
C ASN B 246 -26.85 -14.79 13.85
N SER B 247 -26.73 -13.50 13.50
CA SER B 247 -25.44 -12.87 13.25
C SER B 247 -25.42 -11.41 13.71
N LEU B 248 -24.34 -11.01 14.37
CA LEU B 248 -24.06 -9.59 14.63
C LEU B 248 -23.77 -8.93 13.28
N VAL B 249 -24.37 -7.77 13.03
CA VAL B 249 -24.15 -7.04 11.79
C VAL B 249 -23.40 -5.73 12.08
N TYR B 250 -22.29 -5.55 11.36
CA TYR B 250 -21.57 -4.27 11.33
C TYR B 250 -21.54 -3.74 9.91
N LEU B 251 -21.91 -2.47 9.75
CA LEU B 251 -21.95 -1.81 8.47
C LEU B 251 -21.01 -0.60 8.49
N GLN B 252 -20.07 -0.58 7.54
CA GLN B 252 -19.07 0.46 7.46
C GLN B 252 -19.61 1.79 6.98
N TYR B 253 -19.50 2.82 7.83
CA TYR B 253 -19.80 4.24 7.49
C TYR B 253 -21.28 4.56 7.17
N GLY B 254 -21.82 3.99 6.10
CA GLY B 254 -23.15 4.34 5.62
C GLY B 254 -24.24 4.35 6.67
N ALA B 255 -24.22 3.37 7.57
CA ALA B 255 -25.20 3.26 8.63
C ALA B 255 -25.22 4.39 9.66
N SER B 256 -24.14 5.17 9.70
CA SER B 256 -24.05 6.39 10.51
C SER B 256 -24.97 7.52 10.06
N LEU B 257 -25.61 7.35 8.90
CA LEU B 257 -26.28 8.47 8.23
C LEU B 257 -27.79 8.29 8.22
N ALA B 258 -28.49 9.42 8.35
CA ALA B 258 -29.95 9.46 8.25
C ALA B 258 -30.43 8.81 6.94
N ALA B 259 -29.65 8.94 5.87
CA ALA B 259 -30.01 8.37 4.57
C ALA B 259 -30.18 6.86 4.64
N PHE B 260 -29.33 6.19 5.43
CA PHE B 260 -29.49 4.75 5.68
C PHE B 260 -30.74 4.44 6.50
N ARG B 261 -30.86 5.09 7.66
CA ARG B 261 -31.95 4.87 8.56
C ARG B 261 -33.33 5.14 7.92
N ASP B 262 -33.41 6.16 7.06
CA ASP B 262 -34.69 6.48 6.45
C ASP B 262 -35.18 5.34 5.54
N ILE B 263 -34.26 4.65 4.86
CA ILE B 263 -34.61 3.60 3.91
C ILE B 263 -34.80 2.24 4.61
N ALA B 264 -33.90 1.93 5.56
CA ALA B 264 -34.00 0.68 6.33
C ALA B 264 -35.14 0.69 7.33
N GLY B 265 -35.53 1.87 7.80
CA GLY B 265 -36.55 2.00 8.84
C GLY B 265 -36.28 1.16 10.07
N ASP B 266 -37.31 0.44 10.50
CA ASP B 266 -37.22 -0.40 11.67
C ASP B 266 -36.19 -1.52 11.50
N ASN B 267 -35.86 -1.86 10.26
CA ASN B 267 -34.82 -2.83 10.01
C ASN B 267 -33.41 -2.32 10.35
N SER B 268 -33.25 -1.03 10.62
CA SER B 268 -31.95 -0.52 11.05
C SER B 268 -31.62 -0.85 12.51
N VAL B 269 -32.64 -1.16 13.32
CA VAL B 269 -32.46 -1.33 14.76
C VAL B 269 -31.60 -2.57 15.06
N GLY B 270 -30.49 -2.34 15.78
CA GLY B 270 -29.57 -3.40 16.15
C GLY B 270 -28.25 -3.33 15.39
N VAL B 271 -28.23 -2.61 14.27
CA VAL B 271 -27.02 -2.50 13.42
C VAL B 271 -25.94 -1.75 14.20
N THR B 272 -24.69 -2.16 14.02
CA THR B 272 -23.55 -1.40 14.56
C THR B 272 -22.75 -0.70 13.46
N TYR B 273 -22.08 0.39 13.84
CA TYR B 273 -21.17 1.13 12.94
C TYR B 273 -20.14 1.84 13.82
N ALA B 274 -19.16 2.51 13.21
CA ALA B 274 -18.05 3.09 13.98
C ALA B 274 -17.37 4.22 13.27
N THR B 275 -16.63 4.99 14.05
CA THR B 275 -15.75 6.00 13.50
C THR B 275 -14.44 5.97 14.27
N VAL B 276 -13.33 6.18 13.55
CA VAL B 276 -11.99 6.23 14.18
C VAL B 276 -11.66 7.62 14.78
N LEU B 277 -12.48 8.61 14.48
CA LEU B 277 -12.37 9.96 15.05
C LEU B 277 -13.76 10.53 15.13
N GLY B 278 -14.20 10.81 16.35
CA GLY B 278 -15.51 11.43 16.51
C GLY B 278 -15.70 12.11 17.85
N THR B 279 -16.77 12.88 17.92
CA THR B 279 -17.11 13.61 19.12
C THR B 279 -17.57 12.66 20.21
N LEU B 280 -16.94 12.73 21.38
CA LEU B 280 -17.36 11.93 22.50
C LEU B 280 -18.60 12.56 23.13
N GLN B 281 -19.27 11.80 23.99
CA GLN B 281 -20.48 12.28 24.64
C GLN B 281 -20.31 12.39 26.15
N ASP B 282 -19.08 12.69 26.55
CA ASP B 282 -18.79 13.21 27.87
C ASP B 282 -19.01 14.74 27.93
N GLU B 283 -18.67 15.37 29.05
CA GLU B 283 -18.91 16.79 29.21
CA GLU B 283 -18.89 16.80 29.23
C GLU B 283 -18.23 17.62 28.11
N MET B 284 -16.97 17.34 27.80
CA MET B 284 -16.22 18.16 26.81
CA MET B 284 -16.20 18.13 26.82
C MET B 284 -16.78 17.94 25.41
N GLY B 285 -17.15 16.71 25.09
CA GLY B 285 -17.69 16.43 23.77
C GLY B 285 -19.06 17.07 23.59
N ASP B 286 -19.88 17.02 24.64
CA ASP B 286 -21.22 17.58 24.61
C ASP B 286 -21.11 19.10 24.49
N ALA B 287 -20.13 19.70 25.17
CA ALA B 287 -19.92 21.15 25.07
C ALA B 287 -19.58 21.54 23.65
N PHE B 288 -18.72 20.76 22.99
CA PHE B 288 -18.40 21.06 21.61
C PHE B 288 -19.65 20.98 20.69
N ALA B 289 -20.40 19.89 20.82
CA ALA B 289 -21.59 19.63 20.00
C ALA B 289 -22.61 20.76 20.21
N LYS B 290 -22.80 21.18 21.45
CA LYS B 290 -23.77 22.26 21.76
C LYS B 290 -23.34 23.54 21.06
N ALA B 291 -22.06 23.86 21.16
CA ALA B 291 -21.57 25.10 20.55
C ALA B 291 -21.61 25.05 19.05
N TYR B 292 -21.26 23.90 18.48
CA TYR B 292 -21.27 23.75 17.03
C TYR B 292 -22.70 23.90 16.47
N LYS B 293 -23.66 23.29 17.15
CA LYS B 293 -25.07 23.35 16.72
C LYS B 293 -25.65 24.75 16.90
N GLU B 294 -25.21 25.48 17.93
CA GLU B 294 -25.67 26.87 18.08
C GLU B 294 -25.19 27.76 16.93
N ARG B 295 -23.98 27.52 16.43
CA ARG B 295 -23.45 28.27 15.30
C ARG B 295 -24.04 27.85 13.98
N TYR B 296 -24.20 26.54 13.78
CA TYR B 296 -24.42 26.01 12.43
C TYR B 296 -25.76 25.32 12.18
N GLY B 297 -26.52 25.09 13.24
CA GLY B 297 -27.87 24.55 13.10
C GLY B 297 -27.94 23.11 13.52
N ASP B 298 -29.13 22.69 13.94
CA ASP B 298 -29.28 21.36 14.56
C ASP B 298 -29.01 20.23 13.57
N LEU B 299 -29.13 20.53 12.27
CA LEU B 299 -28.87 19.58 11.19
C LEU B 299 -27.40 19.50 10.71
N SER B 300 -26.54 20.38 11.21
CA SER B 300 -25.14 20.38 10.80
C SER B 300 -24.46 19.11 11.31
N SER B 301 -23.28 18.82 10.79
CA SER B 301 -22.59 17.59 11.15
C SER B 301 -21.38 17.82 12.03
N THR B 302 -21.54 17.61 13.34
CA THR B 302 -20.38 17.54 14.22
C THR B 302 -19.41 16.43 13.85
N ALA B 303 -19.88 15.35 13.21
CA ALA B 303 -18.99 14.26 12.83
C ALA B 303 -17.89 14.72 11.88
N SER B 304 -18.24 15.62 10.95
CA SER B 304 -17.25 16.26 10.10
C SER B 304 -16.58 17.50 10.71
N GLY B 305 -17.38 18.34 11.34
CA GLY B 305 -16.86 19.56 11.94
C GLY B 305 -15.78 19.36 12.98
N CYS B 306 -15.85 18.26 13.74
CA CYS B 306 -14.91 18.06 14.83
C CYS B 306 -13.50 17.78 14.33
N GLN B 307 -13.38 17.38 13.07
CA GLN B 307 -12.08 17.03 12.51
C GLN B 307 -11.12 18.21 12.41
N THR B 308 -11.46 19.18 11.55
CA THR B 308 -10.63 20.35 11.40
C THR B 308 -10.56 21.25 12.64
N TYR B 309 -11.62 21.25 13.46
CA TYR B 309 -11.61 21.94 14.75
C TYR B 309 -10.45 21.40 15.60
N SER B 310 -10.39 20.09 15.73
CA SER B 310 -9.38 19.44 16.58
C SER B 310 -7.98 19.65 16.04
N ALA B 311 -7.86 19.55 14.72
CA ALA B 311 -6.54 19.73 14.06
C ALA B 311 -5.97 21.14 14.32
N LEU B 312 -6.80 22.17 14.16
CA LEU B 312 -6.34 23.53 14.38
C LEU B 312 -5.96 23.74 15.83
N TYR B 313 -6.74 23.20 16.77
CA TYR B 313 -6.34 23.30 18.17
C TYR B 313 -4.97 22.71 18.41
N ALA B 314 -4.75 21.49 17.90
CA ALA B 314 -3.46 20.84 18.04
C ALA B 314 -2.35 21.69 17.44
N TYR B 315 -2.58 22.19 16.24
CA TYR B 315 -1.59 23.06 15.60
C TYR B 315 -1.27 24.27 16.45
N SER B 316 -2.32 24.88 16.99
CA SER B 316 -2.15 26.12 17.78
C SER B 316 -1.27 25.91 19.01
N ILE B 317 -1.37 24.75 19.62
CA ILE B 317 -0.58 24.42 20.80
C ILE B 317 0.87 24.17 20.37
N ALA B 318 1.04 23.37 19.33
CA ALA B 318 2.38 23.09 18.81
C ALA B 318 3.10 24.35 18.36
N ALA B 319 2.43 25.21 17.58
CA ALA B 319 3.03 26.47 17.12
C ALA B 319 3.41 27.39 18.28
N ALA B 320 2.54 27.49 19.29
CA ALA B 320 2.85 28.30 20.47
C ALA B 320 4.09 27.76 21.18
N LEU B 321 4.12 26.47 21.46
CA LEU B 321 5.28 25.87 22.16
C LEU B 321 6.60 26.14 21.42
N ALA B 322 6.54 26.14 20.09
CA ALA B 322 7.73 26.35 19.26
C ALA B 322 8.17 27.82 19.10
N GLY B 323 7.40 28.75 19.63
CA GLY B 323 7.67 30.16 19.50
C GLY B 323 7.01 30.82 18.31
N GLY B 324 6.16 30.06 17.59
CA GLY B 324 5.31 30.61 16.54
C GLY B 324 5.47 29.85 15.24
N PRO B 325 4.54 30.05 14.30
CA PRO B 325 4.66 29.41 12.99
C PRO B 325 5.78 30.01 12.16
N GLY B 326 6.34 29.22 11.27
CA GLY B 326 7.25 29.73 10.26
C GLY B 326 6.46 30.16 9.04
N ALA B 327 6.93 31.21 8.37
CA ALA B 327 6.39 31.57 7.08
C ALA B 327 6.64 30.45 6.05
N PRO B 328 5.89 30.45 4.95
CA PRO B 328 6.35 29.56 3.88
C PRO B 328 7.84 29.67 3.65
N TYR B 329 8.49 28.52 3.41
CA TYR B 329 9.92 28.40 3.13
C TYR B 329 10.85 28.60 4.34
N ASP B 330 10.28 28.87 5.51
CA ASP B 330 11.05 28.83 6.76
C ASP B 330 11.00 27.42 7.31
N ASP B 331 11.80 26.53 6.72
CA ASP B 331 11.85 25.12 7.11
C ASP B 331 12.32 24.96 8.55
N VAL B 332 13.26 25.82 9.00
CA VAL B 332 13.83 25.64 10.32
C VAL B 332 12.74 25.82 11.39
N GLN B 333 11.99 26.92 11.29
CA GLN B 333 10.98 27.20 12.31
C GLN B 333 9.82 26.22 12.21
N ASN B 334 9.42 25.86 11.00
CA ASN B 334 8.34 24.89 10.85
C ASN B 334 8.73 23.47 11.28
N LYS B 335 10.01 23.11 11.16
CA LYS B 335 10.48 21.87 11.77
C LYS B 335 10.34 21.90 13.29
N ALA B 336 10.56 23.05 13.89
CA ALA B 336 10.38 23.23 15.32
C ALA B 336 8.91 23.05 15.71
N VAL B 337 8.00 23.57 14.89
CA VAL B 337 6.55 23.38 15.11
C VAL B 337 6.20 21.90 14.97
N ALA B 338 6.73 21.26 13.94
CA ALA B 338 6.44 19.87 13.70
C ALA B 338 6.97 18.95 14.80
N ASP B 339 8.14 19.27 15.36
CA ASP B 339 8.67 18.54 16.50
C ASP B 339 7.72 18.61 17.70
N ARG B 340 7.15 19.78 17.94
CA ARG B 340 6.19 19.94 19.01
C ARG B 340 4.93 19.17 18.73
N LEU B 341 4.49 19.18 17.48
CA LEU B 341 3.26 18.49 17.10
C LEU B 341 3.48 16.99 17.23
N ARG B 342 4.65 16.52 16.79
CA ARG B 342 4.95 15.10 16.80
C ARG B 342 4.90 14.50 18.21
N SER B 343 5.29 15.27 19.23
CA SER B 343 5.29 14.79 20.62
C SER B 343 4.08 15.25 21.46
N LEU B 344 3.18 16.00 20.83
CA LEU B 344 2.01 16.55 21.53
C LEU B 344 1.07 15.45 22.01
N ILE B 345 0.51 15.63 23.20
CA ILE B 345 -0.61 14.81 23.65
C ILE B 345 -1.73 15.76 23.95
N PHE B 346 -2.74 15.79 23.07
CA PHE B 346 -3.76 16.83 23.14
C PHE B 346 -5.14 16.24 23.38
N ARG B 347 -5.71 16.51 24.56
CA ARG B 347 -7.06 16.01 24.90
C ARG B 347 -8.09 17.07 24.56
N GLY B 348 -8.87 16.78 23.52
CA GLY B 348 -9.95 17.64 23.06
C GLY B 348 -11.26 16.88 23.01
N PRO B 349 -12.27 17.44 22.33
CA PRO B 349 -13.60 16.81 22.31
C PRO B 349 -13.66 15.42 21.69
N VAL B 350 -12.72 15.08 20.80
CA VAL B 350 -12.71 13.74 20.17
C VAL B 350 -11.92 12.71 20.97
N GLY B 351 -11.38 13.13 22.12
CA GLY B 351 -10.49 12.30 22.91
C GLY B 351 -9.05 12.76 22.72
N THR B 352 -8.12 11.89 23.04
CA THR B 352 -6.68 12.21 22.97
C THR B 352 -6.09 12.07 21.56
N MET B 353 -5.48 13.15 21.08
CA MET B 353 -4.72 13.15 19.83
C MET B 353 -3.23 13.10 20.20
N ARG B 354 -2.59 12.04 19.74
CA ARG B 354 -1.16 11.77 19.95
C ARG B 354 -0.68 11.02 18.70
N PHE B 355 0.54 11.34 18.25
CA PHE B 355 1.06 10.78 16.99
C PHE B 355 2.08 9.69 17.15
N HIS B 356 1.99 8.67 16.31
CA HIS B 356 3.10 7.72 16.10
C HIS B 356 4.23 8.50 15.44
N ALA B 357 5.44 8.39 15.97
CA ALA B 357 6.58 9.12 15.40
C ALA B 357 6.88 8.67 13.98
N ASP B 358 6.81 7.37 13.72
CA ASP B 358 7.26 6.82 12.42
C ASP B 358 6.27 7.06 11.27
N THR B 359 4.99 7.11 11.59
CA THR B 359 3.94 7.33 10.56
C THR B 359 3.32 8.73 10.59
N GLN B 360 3.51 9.46 11.68
CA GLN B 360 2.83 10.75 11.92
C GLN B 360 1.30 10.63 11.71
N SER B 361 0.75 9.52 12.17
CA SER B 361 -0.70 9.33 12.24
C SER B 361 -1.10 9.17 13.71
N ALA B 362 -2.37 9.43 13.98
CA ALA B 362 -2.89 9.32 15.35
C ALA B 362 -2.91 7.88 15.88
N TRP B 363 -2.55 7.78 17.16
CA TRP B 363 -2.75 6.57 17.97
C TRP B 363 -4.23 6.29 18.14
N SER B 364 -4.62 5.02 18.08
CA SER B 364 -6.01 4.58 18.20
C SER B 364 -6.18 3.78 19.48
N TYR B 365 -7.15 4.20 20.28
CA TYR B 365 -7.56 3.53 21.53
C TYR B 365 -8.91 2.83 21.29
N PRO B 366 -9.06 1.58 21.74
CA PRO B 366 -8.16 0.76 22.55
C PRO B 366 -7.29 -0.21 21.72
N THR B 367 -7.28 -0.04 20.41
CA THR B 367 -6.68 -1.04 19.52
C THR B 367 -5.17 -1.06 19.62
N GLU B 368 -4.56 0.11 19.62
CA GLU B 368 -3.10 0.25 19.60
C GLU B 368 -2.54 0.57 20.98
N THR B 369 -3.37 1.14 21.85
CA THR B 369 -2.98 1.51 23.22
C THR B 369 -4.15 1.21 24.12
N ASN B 370 -3.86 0.70 25.32
CA ASN B 370 -4.86 0.41 26.33
C ASN B 370 -5.23 1.62 27.20
N ASP B 371 -4.70 2.79 26.86
CA ASP B 371 -4.80 3.96 27.72
C ASP B 371 -5.41 5.12 26.92
N PRO B 372 -6.62 5.56 27.29
CA PRO B 372 -7.25 6.63 26.52
C PRO B 372 -6.61 8.00 26.68
N SER B 373 -5.69 8.12 27.64
CA SER B 373 -4.89 9.32 27.71
C SER B 373 -3.73 9.31 26.66
N LEU B 374 -3.62 8.23 25.89
CA LEU B 374 -2.52 8.10 24.89
C LEU B 374 -3.00 7.81 23.46
N GLY B 375 -4.32 7.80 23.25
CA GLY B 375 -4.85 7.48 21.95
C GLY B 375 -6.28 7.92 21.80
N MET B 376 -6.74 7.93 20.54
CA MET B 376 -8.01 8.51 20.13
C MET B 376 -9.06 7.39 20.12
N PRO B 377 -10.19 7.58 20.83
CA PRO B 377 -11.18 6.50 20.84
C PRO B 377 -11.78 6.15 19.48
N HIS B 378 -11.82 4.84 19.18
CA HIS B 378 -12.50 4.27 18.02
C HIS B 378 -13.91 3.97 18.52
N ILE B 379 -14.85 4.84 18.14
CA ILE B 379 -16.17 4.90 18.74
C ILE B 379 -17.16 4.03 17.95
N PHE B 380 -17.79 3.08 18.62
CA PHE B 380 -18.86 2.25 18.04
C PHE B 380 -20.22 2.67 18.55
N SER B 381 -21.18 2.64 17.64
CA SER B 381 -22.54 3.00 17.92
C SER B 381 -23.47 1.84 17.55
N GLN B 382 -24.65 1.82 18.15
CA GLN B 382 -25.67 0.83 17.80
C GLN B 382 -27.03 1.51 17.69
N ILE B 383 -27.71 1.27 16.58
CA ILE B 383 -29.01 1.88 16.32
C ILE B 383 -30.08 1.27 17.22
N PHE B 384 -30.81 2.12 17.93
CA PHE B 384 -31.93 1.67 18.80
C PHE B 384 -33.29 2.21 18.31
N ASP B 385 -33.27 3.18 17.39
CA ASP B 385 -34.48 3.84 16.88
C ASP B 385 -34.17 4.43 15.53
N LYS B 386 -35.01 4.15 14.53
CA LYS B 386 -34.77 4.62 13.18
C LYS B 386 -34.65 6.14 13.08
N ALA B 387 -35.19 6.85 14.06
CA ALA B 387 -35.24 8.30 14.01
C ALA B 387 -34.04 8.99 14.68
N GLU B 388 -33.10 8.22 15.22
CA GLU B 388 -31.98 8.77 16.00
C GLU B 388 -30.64 8.14 15.65
N ASP B 389 -29.56 8.89 15.84
CA ASP B 389 -28.22 8.32 15.78
C ASP B 389 -28.14 7.17 16.79
N GLY B 390 -27.26 6.23 16.50
CA GLY B 390 -27.00 5.11 17.40
C GLY B 390 -26.44 5.56 18.74
N VAL B 391 -26.61 4.73 19.74
CA VAL B 391 -26.11 4.99 21.09
C VAL B 391 -24.67 4.53 21.12
N LEU B 392 -23.81 5.23 21.84
CA LEU B 392 -22.39 4.83 21.94
C LEU B 392 -22.22 3.61 22.80
N ILE B 393 -21.66 2.54 22.21
CA ILE B 393 -21.50 1.29 22.92
C ILE B 393 -20.05 0.83 23.14
N ALA B 394 -19.09 1.56 22.59
CA ALA B 394 -17.67 1.31 22.81
C ALA B 394 -16.85 2.53 22.41
N PRO B 395 -15.66 2.68 22.97
CA PRO B 395 -15.01 1.91 24.01
C PRO B 395 -15.23 2.52 25.39
N ALA B 396 -15.26 1.68 26.42
CA ALA B 396 -15.09 2.22 27.77
C ALA B 396 -13.80 3.08 27.81
N PRO B 397 -13.81 4.22 28.54
CA PRO B 397 -14.84 4.77 29.46
C PRO B 397 -15.89 5.71 28.82
N TYR B 398 -16.15 5.53 27.52
CA TYR B 398 -17.00 6.45 26.77
C TYR B 398 -18.38 5.90 26.44
N LYS B 399 -18.70 4.69 26.92
CA LYS B 399 -19.99 4.06 26.60
C LYS B 399 -21.17 4.80 27.21
N LYS B 400 -22.26 4.87 26.46
CA LYS B 400 -23.54 5.34 26.98
C LYS B 400 -24.53 4.23 27.17
N ALA B 401 -24.26 3.09 26.55
CA ALA B 401 -25.00 1.85 26.76
C ALA B 401 -24.10 0.68 26.44
N GLY B 402 -24.50 -0.53 26.84
CA GLY B 402 -23.83 -1.74 26.36
C GLY B 402 -24.41 -2.15 25.01
N PHE B 403 -23.64 -2.93 24.25
CA PHE B 403 -24.17 -3.65 23.08
C PHE B 403 -25.41 -4.46 23.50
N LYS B 404 -26.46 -4.40 22.69
CA LYS B 404 -27.70 -5.14 22.93
C LYS B 404 -27.91 -6.14 21.81
N MET B 405 -28.26 -7.37 22.15
CA MET B 405 -28.46 -8.37 21.11
CA MET B 405 -28.47 -8.39 21.10
C MET B 405 -29.48 -7.82 20.10
N PRO B 406 -29.15 -7.86 18.80
CA PRO B 406 -30.11 -7.36 17.82
C PRO B 406 -31.45 -8.10 17.81
N PRO B 407 -32.49 -7.43 17.35
CA PRO B 407 -33.82 -8.07 17.43
C PRO B 407 -33.95 -9.35 16.61
N TRP B 408 -33.12 -9.52 15.58
CA TRP B 408 -33.15 -10.70 14.71
C TRP B 408 -32.35 -11.89 15.27
N MET B 409 -31.54 -11.63 16.30
CA MET B 409 -30.88 -12.68 17.04
C MET B 409 -31.87 -12.83 18.21
#